data_2CJA
#
_entry.id   2CJA
#
_cell.length_a   97.314
_cell.length_b   97.314
_cell.length_c   270.051
_cell.angle_alpha   90.00
_cell.angle_beta   90.00
_cell.angle_gamma   120.00
#
_symmetry.space_group_name_H-M   'P 32 2 1'
#
loop_
_entity.id
_entity.type
_entity.pdbx_description
1 polymer 'SERYL-TRNA SYNTHETASE'
2 non-polymer 'ZINC ION'
3 non-polymer 'CHLORIDE ION'
4 non-polymer "ADENOSINE-5'-TRIPHOSPHATE"
5 non-polymer 'MAGNESIUM ION'
6 water water
#
_entity_poly.entity_id   1
_entity_poly.type   'polypeptide(L)'
_entity_poly.pdbx_seq_one_letter_code
;(MSE)GSSHHHHHHSSGLVPRGSH(MSE)KLQFNLKAYFKTSADPTPAKDAIAALFEEANSTLLTRGAPEGQGAKVTEWK
LGEDRIELTLQSGRYVRVHDAIFRLRKQLAEALGKKYKIGIRGIEVESFIIKVPADHELR(MSE)LKVPYIKS(MSE)EN
IEGGIQLELEVGEAE(MSE)KNRVPDRILTLLEEKIEAAQYGAKAEHWNLLWQREP(MSE)EHPFKEDPTQA(MSE)
(MSE)KEGWLKRGSSRGQWIHGPQSARIFRTFEKIVLEELLEPLGYRE(MSE)IFPKLVTWEVW(MSE)KSGHAKGVYPE
IYYVCPPQTRDPDYWEEVADYYKVTHEVPTKLIKEKIAEPIGG(MSE)CYAQCPPFW(MSE)YVAGETLPNEEIPVKVFD
RSGTSHRYESGGIHGIERVDEFHRIEIVWIGTKEEVLKCAEELHDRY(MSE)HIFNDILDIEWRKARVTPWF(MSE)AQE
GLLGLAEENTVGTTDYEACLPYRGPDGEWLEFQNVSINGDKYPKGFNVKLQSGDELWSGCSGVGLERWAAVFLAQKGLDP
ANWPEEFRNRVGE(MSE)PKGIRFL
;
_entity_poly.pdbx_strand_id   A,B
#
loop_
_chem_comp.id
_chem_comp.type
_chem_comp.name
_chem_comp.formula
ATP non-polymer ADENOSINE-5'-TRIPHOSPHATE 'C10 H16 N5 O13 P3'
CL non-polymer 'CHLORIDE ION' 'Cl -1'
MG non-polymer 'MAGNESIUM ION' 'Mg 2'
ZN non-polymer 'ZINC ION' 'Zn 2'
#
# COMPACT_ATOMS: atom_id res chain seq x y z
N SER A 19 2.00 -36.56 -32.18
CA SER A 19 1.13 -37.75 -31.95
C SER A 19 -0.29 -37.35 -31.54
N HIS A 20 -1.21 -38.30 -31.62
CA HIS A 20 -2.62 -38.06 -31.29
C HIS A 20 -3.19 -39.23 -30.49
N MSE A 21 -3.28 -39.02 -29.17
CA MSE A 21 -3.77 -40.05 -28.25
C MSE A 21 -5.26 -39.85 -27.95
O MSE A 21 -5.85 -38.84 -28.34
CB MSE A 21 -2.96 -39.99 -26.95
CG MSE A 21 -2.79 -41.33 -26.23
SE MSE A 21 -1.84 -41.15 -24.53
CE MSE A 21 -1.55 -43.06 -24.14
N LYS A 22 -5.85 -40.83 -27.27
CA LYS A 22 -7.23 -40.73 -26.81
C LYS A 22 -7.26 -40.41 -25.31
N LEU A 23 -8.04 -39.40 -24.94
CA LEU A 23 -8.20 -39.00 -23.54
C LEU A 23 -8.69 -40.19 -22.72
N GLN A 24 -8.00 -40.46 -21.62
CA GLN A 24 -8.27 -41.67 -20.83
C GLN A 24 -8.24 -41.42 -19.33
N PHE A 25 -9.27 -41.93 -18.65
CA PHE A 25 -9.36 -41.91 -17.20
C PHE A 25 -9.16 -43.33 -16.65
N ASN A 26 -8.40 -43.44 -15.57
CA ASN A 26 -8.16 -44.73 -14.92
C ASN A 26 -8.22 -44.60 -13.40
N LEU A 27 -9.00 -45.47 -12.76
CA LEU A 27 -9.21 -45.37 -11.31
C LEU A 27 -9.24 -46.73 -10.62
N LYS A 28 -8.51 -46.82 -9.50
CA LYS A 28 -8.54 -48.00 -8.64
C LYS A 28 -8.91 -47.57 -7.22
N ALA A 29 -10.00 -48.15 -6.70
CA ALA A 29 -10.51 -47.82 -5.37
C ALA A 29 -11.37 -48.95 -4.78
N TYR A 30 -11.65 -48.86 -3.48
CA TYR A 30 -12.49 -49.84 -2.79
C TYR A 30 -13.56 -49.20 -1.90
N PHE A 31 -14.68 -49.92 -1.73
CA PHE A 31 -15.73 -49.51 -0.81
C PHE A 31 -15.46 -50.08 0.58
N LYS A 32 -15.49 -49.22 1.58
CA LYS A 32 -15.12 -49.60 2.95
C LYS A 32 -16.34 -49.98 3.80
N LYS A 41 -21.10 -63.03 -2.95
CA LYS A 41 -20.10 -63.13 -4.01
C LYS A 41 -20.72 -63.47 -5.36
N ASP A 42 -21.81 -64.21 -5.34
CA ASP A 42 -22.53 -64.60 -6.55
C ASP A 42 -23.41 -63.48 -7.09
N ALA A 43 -24.11 -62.79 -6.20
CA ALA A 43 -25.00 -61.69 -6.56
C ALA A 43 -24.25 -60.46 -7.06
N ILE A 44 -23.03 -60.27 -6.56
CA ILE A 44 -22.17 -59.16 -6.96
C ILE A 44 -21.45 -59.46 -8.28
N ALA A 45 -21.30 -60.74 -8.60
CA ALA A 45 -20.63 -61.18 -9.82
C ALA A 45 -21.40 -60.81 -11.10
N ALA A 46 -22.72 -61.05 -11.08
CA ALA A 46 -23.59 -60.74 -12.21
C ALA A 46 -23.88 -59.25 -12.32
N LEU A 47 -23.61 -58.52 -11.23
CA LEU A 47 -23.84 -57.08 -11.16
C LEU A 47 -22.91 -56.28 -12.07
N PHE A 48 -21.65 -56.72 -12.16
CA PHE A 48 -20.63 -56.04 -12.97
C PHE A 48 -20.67 -56.41 -14.45
N GLU A 49 -21.28 -57.55 -14.76
CA GLU A 49 -21.49 -57.96 -16.15
C GLU A 49 -22.59 -57.14 -16.81
N GLU A 50 -23.60 -56.77 -16.01
CA GLU A 50 -24.71 -55.93 -16.46
C GLU A 50 -24.31 -54.46 -16.57
N ALA A 51 -23.49 -54.00 -15.62
CA ALA A 51 -23.08 -52.60 -15.51
C ALA A 51 -22.32 -52.07 -16.73
N ASN A 52 -21.52 -52.94 -17.34
CA ASN A 52 -20.72 -52.57 -18.51
C ASN A 52 -21.54 -52.44 -19.80
N SER A 53 -22.76 -52.96 -19.78
CA SER A 53 -23.63 -52.97 -20.96
C SER A 53 -24.88 -52.11 -20.81
N THR A 54 -25.33 -51.92 -19.57
CA THR A 54 -26.58 -51.19 -19.31
C THR A 54 -26.40 -49.88 -18.53
N LEU A 55 -25.81 -49.97 -17.34
CA LEU A 55 -25.73 -48.83 -16.43
C LEU A 55 -24.71 -47.77 -16.84
N LEU A 56 -23.46 -48.19 -17.04
CA LEU A 56 -22.36 -47.27 -17.32
C LEU A 56 -22.20 -46.97 -18.81
N THR A 57 -23.31 -46.93 -19.54
CA THR A 57 -23.30 -46.67 -20.98
C THR A 57 -24.04 -45.38 -21.34
N ARG A 58 -25.03 -45.02 -20.50
CA ARG A 58 -25.84 -43.82 -20.72
C ARG A 58 -25.04 -42.54 -20.57
N GLY A 59 -25.20 -41.64 -21.54
CA GLY A 59 -24.42 -40.40 -21.60
C GLY A 59 -23.45 -40.41 -22.77
N ALA A 60 -22.93 -41.59 -23.08
CA ALA A 60 -22.01 -41.77 -24.21
C ALA A 60 -22.79 -41.91 -25.52
N PRO A 61 -22.37 -41.15 -26.56
CA PRO A 61 -23.06 -41.15 -27.85
C PRO A 61 -22.91 -42.45 -28.65
N GLU A 62 -21.69 -42.96 -28.74
CA GLU A 62 -21.40 -44.11 -29.61
C GLU A 62 -20.75 -45.29 -28.87
N GLY A 63 -21.17 -45.50 -27.63
CA GLY A 63 -20.66 -46.62 -26.82
C GLY A 63 -19.27 -46.40 -26.25
N GLN A 64 -19.03 -45.19 -25.73
CA GLN A 64 -17.75 -44.85 -25.09
C GLN A 64 -17.83 -44.92 -23.57
N GLY A 65 -18.91 -45.51 -23.05
CA GLY A 65 -19.17 -45.57 -21.62
C GLY A 65 -18.13 -46.28 -20.79
N ALA A 66 -18.20 -46.09 -19.47
CA ALA A 66 -17.24 -46.67 -18.53
C ALA A 66 -17.37 -48.20 -18.45
N LYS A 67 -16.24 -48.86 -18.18
CA LYS A 67 -16.19 -50.32 -18.09
C LYS A 67 -15.14 -50.81 -17.11
N VAL A 68 -15.47 -51.86 -16.36
CA VAL A 68 -14.57 -52.46 -15.37
C VAL A 68 -13.78 -53.61 -16.00
N THR A 69 -12.48 -53.66 -15.72
CA THR A 69 -11.61 -54.70 -16.27
C THR A 69 -11.10 -55.64 -15.18
N GLU A 70 -10.81 -55.09 -14.00
CA GLU A 70 -10.32 -55.88 -12.86
C GLU A 70 -11.37 -55.93 -11.74
N TRP A 71 -11.73 -57.14 -11.35
CA TRP A 71 -12.68 -57.36 -10.26
C TRP A 71 -12.01 -58.07 -9.09
N LYS A 72 -12.26 -57.57 -7.88
CA LYS A 72 -11.67 -58.13 -6.66
C LYS A 72 -12.61 -57.93 -5.46
N LEU A 73 -12.67 -58.94 -4.60
CA LEU A 73 -13.51 -58.91 -3.42
C LEU A 73 -12.67 -58.73 -2.15
N ARG A 77 -13.76 -54.85 1.87
CA ARG A 77 -13.03 -54.13 0.83
C ARG A 77 -13.33 -54.73 -0.55
N ILE A 78 -14.11 -54.01 -1.35
CA ILE A 78 -14.48 -54.43 -2.70
C ILE A 78 -13.81 -53.53 -3.73
N GLU A 79 -12.68 -54.00 -4.28
CA GLU A 79 -11.86 -53.19 -5.18
C GLU A 79 -12.37 -53.16 -6.62
N LEU A 80 -12.24 -52.00 -7.25
CA LEU A 80 -12.64 -51.81 -8.65
C LEU A 80 -11.53 -51.19 -9.48
N THR A 81 -11.56 -51.44 -10.78
CA THR A 81 -10.66 -50.78 -11.72
C THR A 81 -11.42 -50.44 -13.00
N LEU A 82 -11.86 -49.18 -13.09
CA LEU A 82 -12.68 -48.73 -14.22
C LEU A 82 -11.90 -47.84 -15.17
N GLN A 83 -12.29 -47.88 -16.44
CA GLN A 83 -11.69 -47.05 -17.48
C GLN A 83 -12.76 -46.28 -18.25
N SER A 84 -12.42 -45.09 -18.73
CA SER A 84 -13.34 -44.24 -19.46
C SER A 84 -12.61 -43.22 -20.33
N GLY A 85 -13.32 -42.65 -21.31
CA GLY A 85 -12.74 -41.67 -22.23
C GLY A 85 -13.04 -40.23 -21.84
N ARG A 86 -13.82 -39.55 -22.67
CA ARG A 86 -14.28 -38.19 -22.37
C ARG A 86 -15.54 -38.21 -21.53
N TYR A 87 -16.51 -39.01 -21.98
CA TYR A 87 -17.87 -39.01 -21.43
C TYR A 87 -18.06 -40.19 -20.48
N VAL A 88 -19.06 -40.08 -19.62
CA VAL A 88 -19.33 -41.07 -18.57
C VAL A 88 -18.04 -41.33 -17.78
N ARG A 89 -17.52 -40.26 -17.17
CA ARG A 89 -16.19 -40.27 -16.54
C ARG A 89 -16.07 -41.22 -15.36
N VAL A 90 -14.83 -41.64 -15.09
CA VAL A 90 -14.53 -42.66 -14.09
C VAL A 90 -14.96 -42.28 -12.67
N HIS A 91 -14.90 -40.99 -12.35
CA HIS A 91 -15.31 -40.49 -11.03
C HIS A 91 -16.82 -40.49 -10.83
N ASP A 92 -17.56 -40.41 -11.94
CA ASP A 92 -19.02 -40.52 -11.92
C ASP A 92 -19.47 -41.98 -11.89
N ALA A 93 -18.59 -42.86 -12.39
CA ALA A 93 -18.86 -44.30 -12.46
C ALA A 93 -18.88 -44.98 -11.10
N ILE A 94 -18.08 -44.46 -10.17
CA ILE A 94 -17.95 -45.04 -8.84
C ILE A 94 -19.17 -44.75 -7.94
N PHE A 95 -19.86 -43.65 -8.23
CA PHE A 95 -21.06 -43.27 -7.47
C PHE A 95 -22.33 -43.89 -8.03
N ARG A 96 -22.26 -44.40 -9.26
CA ARG A 96 -23.34 -45.18 -9.85
C ARG A 96 -23.37 -46.57 -9.21
N LEU A 97 -22.18 -47.11 -8.97
CA LEU A 97 -22.01 -48.40 -8.31
C LEU A 97 -22.23 -48.29 -6.80
N ARG A 98 -22.11 -47.06 -6.28
CA ARG A 98 -22.44 -46.76 -4.89
C ARG A 98 -23.96 -46.87 -4.66
N LYS A 99 -24.72 -46.58 -5.71
CA LYS A 99 -26.18 -46.71 -5.71
C LYS A 99 -26.64 -48.16 -5.81
N GLN A 100 -26.02 -48.92 -6.72
CA GLN A 100 -26.41 -50.31 -6.99
C GLN A 100 -26.04 -51.29 -5.88
N LEU A 101 -24.84 -51.12 -5.32
CA LEU A 101 -24.35 -52.01 -4.25
C LEU A 101 -25.05 -51.76 -2.91
N ALA A 102 -25.63 -50.58 -2.75
CA ALA A 102 -26.41 -50.25 -1.57
C ALA A 102 -27.80 -50.88 -1.60
N GLU A 103 -28.28 -51.17 -2.81
CA GLU A 103 -29.57 -51.81 -3.04
C GLU A 103 -29.46 -53.33 -3.07
N ALA A 104 -28.40 -53.83 -3.72
CA ALA A 104 -28.20 -55.27 -3.92
C ALA A 104 -27.59 -56.00 -2.71
N LEU A 105 -27.21 -55.23 -1.68
CA LEU A 105 -26.61 -55.79 -0.47
C LEU A 105 -27.21 -55.22 0.82
N GLY A 106 -27.99 -54.16 0.67
CA GLY A 106 -28.56 -53.43 1.81
C GLY A 106 -29.42 -54.25 2.74
N LYS A 107 -30.60 -54.66 2.26
CA LYS A 107 -31.51 -55.50 3.03
C LYS A 107 -31.19 -56.98 2.89
N LYS A 108 -30.36 -57.30 1.89
CA LYS A 108 -30.03 -58.68 1.54
C LYS A 108 -29.04 -59.32 2.52
N TYR A 109 -27.91 -58.65 2.73
CA TYR A 109 -26.83 -59.17 3.57
C TYR A 109 -26.51 -58.28 4.78
N LYS A 110 -27.39 -57.33 5.06
CA LYS A 110 -27.25 -56.40 6.20
C LYS A 110 -25.94 -55.60 6.16
N ILE A 111 -25.62 -55.03 5.00
CA ILE A 111 -24.39 -54.26 4.81
C ILE A 111 -24.70 -52.78 4.54
N GLY A 112 -23.99 -51.90 5.23
CA GLY A 112 -24.11 -50.46 5.03
C GLY A 112 -22.75 -49.80 4.81
N ILE A 113 -22.51 -49.34 3.58
CA ILE A 113 -21.23 -48.76 3.19
C ILE A 113 -20.99 -47.40 3.87
N ARG A 114 -19.77 -47.20 4.37
CA ARG A 114 -19.38 -45.96 5.03
C ARG A 114 -18.85 -44.91 4.05
N GLY A 115 -18.00 -45.33 3.12
CA GLY A 115 -17.41 -44.42 2.14
C GLY A 115 -16.49 -45.09 1.13
N ILE A 116 -15.81 -44.26 0.34
CA ILE A 116 -14.88 -44.73 -0.69
C ILE A 116 -13.48 -44.16 -0.45
N GLU A 117 -12.47 -45.01 -0.61
CA GLU A 117 -11.08 -44.59 -0.52
C GLU A 117 -10.30 -45.02 -1.77
N VAL A 118 -9.49 -44.10 -2.29
CA VAL A 118 -8.81 -44.29 -3.57
C VAL A 118 -7.39 -44.83 -3.40
N GLU A 119 -7.04 -45.79 -4.25
CA GLU A 119 -5.69 -46.35 -4.29
C GLU A 119 -4.89 -45.81 -5.49
N SER A 120 -5.58 -45.51 -6.59
CA SER A 120 -4.96 -45.00 -7.80
C SER A 120 -5.93 -44.16 -8.65
N PHE A 121 -5.41 -43.06 -9.20
CA PHE A 121 -6.14 -42.22 -10.15
C PHE A 121 -5.16 -41.65 -11.18
N ILE A 122 -5.28 -42.11 -12.42
CA ILE A 122 -4.37 -41.70 -13.49
C ILE A 122 -5.16 -41.18 -14.69
N ILE A 123 -4.76 -40.01 -15.20
CA ILE A 123 -5.36 -39.44 -16.40
C ILE A 123 -4.33 -39.33 -17.51
N LYS A 124 -4.70 -39.77 -18.70
CA LYS A 124 -3.86 -39.64 -19.89
C LYS A 124 -4.49 -38.66 -20.88
N VAL A 125 -3.78 -37.56 -21.12
CA VAL A 125 -4.29 -36.47 -21.95
C VAL A 125 -3.42 -36.31 -23.21
N PRO A 126 -4.05 -36.28 -24.40
CA PRO A 126 -3.33 -36.04 -25.66
C PRO A 126 -2.71 -34.64 -25.73
N ALA A 127 -1.52 -34.56 -26.31
CA ALA A 127 -0.79 -33.30 -26.43
C ALA A 127 0.07 -33.23 -27.69
N ASP A 128 0.35 -32.01 -28.15
CA ASP A 128 1.18 -31.77 -29.33
C ASP A 128 2.67 -31.93 -29.03
N HIS A 129 3.19 -31.05 -28.17
CA HIS A 129 4.61 -30.95 -27.89
C HIS A 129 4.92 -31.46 -26.48
N GLU A 130 6.20 -31.61 -26.17
CA GLU A 130 6.66 -31.89 -24.80
C GLU A 130 6.36 -30.68 -23.93
N LEU A 131 5.37 -30.81 -23.06
CA LEU A 131 4.88 -29.70 -22.24
C LEU A 131 5.69 -29.53 -20.95
N ARG A 132 5.94 -28.27 -20.60
CA ARG A 132 6.74 -27.90 -19.43
C ARG A 132 6.25 -28.53 -18.12
N MSE A 133 7.19 -28.77 -17.21
CA MSE A 133 6.88 -29.32 -15.89
C MSE A 133 6.21 -28.27 -15.01
O MSE A 133 6.69 -27.14 -14.90
CB MSE A 133 8.15 -29.86 -15.22
CG MSE A 133 8.70 -31.13 -15.88
SE MSE A 133 7.48 -32.65 -15.71
CE MSE A 133 7.57 -32.89 -13.75
N LEU A 134 5.09 -28.65 -14.39
CA LEU A 134 4.28 -27.73 -13.59
C LEU A 134 3.86 -28.33 -12.28
N LYS A 135 3.88 -27.52 -11.22
CA LYS A 135 3.32 -27.92 -9.94
C LYS A 135 1.87 -27.43 -9.86
N VAL A 136 0.96 -28.40 -9.71
CA VAL A 136 -0.48 -28.15 -9.68
C VAL A 136 -1.09 -28.92 -8.51
N PRO A 137 -2.01 -28.31 -7.75
CA PRO A 137 -2.64 -28.99 -6.61
C PRO A 137 -3.32 -30.30 -7.01
N TYR A 138 -3.30 -31.26 -6.09
CA TYR A 138 -3.89 -32.59 -6.28
C TYR A 138 -3.21 -33.44 -7.37
N ILE A 139 -2.14 -32.91 -7.98
CA ILE A 139 -1.31 -33.69 -8.89
C ILE A 139 -0.06 -34.17 -8.16
N LYS A 140 0.03 -35.49 -7.97
CA LYS A 140 1.18 -36.12 -7.32
C LYS A 140 2.41 -36.10 -8.24
N SER A 141 2.24 -36.57 -9.48
CA SER A 141 3.33 -36.57 -10.45
C SER A 141 2.83 -36.24 -11.85
N MSE A 142 3.71 -35.62 -12.64
CA MSE A 142 3.41 -35.24 -14.00
C MSE A 142 4.58 -35.64 -14.89
O MSE A 142 5.74 -35.42 -14.52
CB MSE A 142 3.17 -33.73 -14.09
CG MSE A 142 2.22 -33.29 -15.19
SE MSE A 142 2.51 -31.43 -15.70
CE MSE A 142 4.00 -31.71 -16.94
N GLU A 143 4.28 -36.22 -16.06
CA GLU A 143 5.33 -36.66 -16.99
C GLU A 143 4.84 -36.76 -18.43
N ASN A 144 5.76 -36.55 -19.37
CA ASN A 144 5.48 -36.70 -20.79
C ASN A 144 5.55 -38.15 -21.24
N ILE A 145 4.50 -38.60 -21.93
CA ILE A 145 4.47 -39.93 -22.53
C ILE A 145 4.35 -39.82 -24.06
N GLU A 146 4.13 -40.95 -24.73
CA GLU A 146 4.15 -41.03 -26.19
C GLU A 146 3.04 -40.19 -26.85
N GLY A 147 1.80 -40.46 -26.47
CA GLY A 147 0.65 -39.77 -27.05
C GLY A 147 0.46 -38.34 -26.56
N GLY A 148 0.76 -38.12 -25.28
CA GLY A 148 0.63 -36.79 -24.67
C GLY A 148 1.23 -36.69 -23.28
N ILE A 149 0.36 -36.53 -22.29
CA ILE A 149 0.79 -36.36 -20.89
C ILE A 149 0.06 -37.33 -19.96
N GLN A 150 0.82 -37.99 -19.09
CA GLN A 150 0.28 -38.85 -18.05
C GLN A 150 0.46 -38.17 -16.70
N LEU A 151 -0.53 -38.30 -15.83
CA LEU A 151 -0.51 -37.62 -14.52
C LEU A 151 -1.31 -38.36 -13.45
N GLU A 152 -0.66 -38.60 -12.32
CA GLU A 152 -1.29 -39.24 -11.16
C GLU A 152 -1.86 -38.19 -10.21
N LEU A 153 -2.92 -38.55 -9.49
CA LEU A 153 -3.60 -37.61 -8.61
C LEU A 153 -3.70 -38.08 -7.16
N GLU A 154 -3.66 -37.13 -6.23
CA GLU A 154 -3.89 -37.39 -4.81
C GLU A 154 -5.29 -36.93 -4.41
N VAL A 155 -6.29 -37.73 -4.77
CA VAL A 155 -7.70 -37.40 -4.51
C VAL A 155 -8.42 -38.47 -3.68
N GLY A 156 -9.30 -38.01 -2.78
CA GLY A 156 -10.19 -38.90 -2.04
C GLY A 156 -11.59 -38.85 -2.64
N GLU A 157 -12.59 -39.31 -1.90
CA GLU A 157 -13.97 -39.27 -2.40
C GLU A 157 -14.54 -37.85 -2.40
N ALA A 158 -14.27 -37.10 -1.33
CA ALA A 158 -14.71 -35.71 -1.20
C ALA A 158 -14.13 -34.84 -2.31
N GLU A 159 -12.91 -35.15 -2.73
CA GLU A 159 -12.22 -34.42 -3.79
C GLU A 159 -12.83 -34.69 -5.16
N MSE A 160 -13.18 -35.94 -5.44
CA MSE A 160 -13.84 -36.26 -6.72
C MSE A 160 -15.34 -35.91 -6.72
O MSE A 160 -15.94 -35.80 -7.78
CB MSE A 160 -13.55 -37.70 -7.18
CG MSE A 160 -13.89 -38.82 -6.20
SE MSE A 160 -12.72 -40.41 -6.40
CE MSE A 160 -13.08 -40.90 -8.23
N LYS A 161 -15.92 -35.74 -5.52
CA LYS A 161 -17.27 -35.17 -5.38
C LYS A 161 -17.27 -33.69 -5.74
N ASN A 162 -16.21 -32.99 -5.34
CA ASN A 162 -16.05 -31.55 -5.63
C ASN A 162 -15.49 -31.25 -7.03
N ARG A 163 -15.39 -32.29 -7.86
CA ARG A 163 -15.02 -32.17 -9.28
C ARG A 163 -13.58 -31.68 -9.52
N VAL A 164 -12.66 -32.08 -8.65
CA VAL A 164 -11.25 -31.70 -8.79
C VAL A 164 -10.62 -32.20 -10.11
N PRO A 165 -10.77 -33.51 -10.45
CA PRO A 165 -10.23 -34.02 -11.72
C PRO A 165 -10.74 -33.26 -12.94
N ASP A 166 -12.00 -32.82 -12.89
CA ASP A 166 -12.60 -32.02 -13.95
C ASP A 166 -11.85 -30.70 -14.16
N ARG A 167 -11.53 -30.01 -13.07
CA ARG A 167 -10.82 -28.73 -13.12
C ARG A 167 -9.36 -28.87 -13.54
N ILE A 168 -8.71 -29.95 -13.10
CA ILE A 168 -7.33 -30.26 -13.47
C ILE A 168 -7.23 -30.52 -14.98
N LEU A 169 -8.16 -31.31 -15.50
CA LEU A 169 -8.21 -31.63 -16.93
C LEU A 169 -8.36 -30.37 -17.78
N THR A 170 -9.33 -29.53 -17.40
CA THR A 170 -9.61 -28.27 -18.10
C THR A 170 -8.39 -27.35 -18.16
N LEU A 171 -7.68 -27.21 -17.03
CA LEU A 171 -6.49 -26.37 -16.93
C LEU A 171 -5.42 -26.83 -17.93
N LEU A 172 -5.08 -28.12 -17.86
CA LEU A 172 -4.03 -28.70 -18.70
C LEU A 172 -4.34 -28.67 -20.19
N GLU A 173 -5.63 -28.77 -20.53
CA GLU A 173 -6.08 -28.65 -21.92
C GLU A 173 -5.89 -27.24 -22.47
N GLU A 174 -6.11 -26.24 -21.61
CA GLU A 174 -5.91 -24.83 -21.97
C GLU A 174 -4.44 -24.51 -22.23
N LYS A 175 -3.55 -25.23 -21.55
CA LYS A 175 -2.12 -25.07 -21.73
C LYS A 175 -1.62 -25.79 -22.98
N ILE A 176 -2.22 -26.95 -23.27
CA ILE A 176 -1.92 -27.73 -24.47
C ILE A 176 -2.30 -26.96 -25.73
N GLU A 177 -3.45 -26.29 -25.69
CA GLU A 177 -3.92 -25.45 -26.80
C GLU A 177 -3.02 -24.22 -26.98
N ALA A 178 -2.43 -23.74 -25.88
CA ALA A 178 -1.50 -22.62 -25.90
C ALA A 178 -0.15 -23.00 -26.52
N ALA A 179 0.28 -24.24 -26.25
CA ALA A 179 1.53 -24.76 -26.80
C ALA A 179 1.39 -25.14 -28.28
N GLN A 180 0.15 -25.21 -28.74
CA GLN A 180 -0.16 -25.53 -30.14
C GLN A 180 -0.48 -24.26 -30.94
N TYR A 181 -1.23 -23.34 -30.33
CA TYR A 181 -1.66 -22.11 -31.02
C TYR A 181 -1.29 -20.82 -30.28
N GLY A 182 -1.50 -20.82 -28.96
CA GLY A 182 -1.40 -19.62 -28.12
C GLY A 182 -0.12 -18.81 -28.24
N ALA A 183 -0.24 -17.65 -28.88
CA ALA A 183 0.88 -16.72 -29.06
C ALA A 183 0.49 -15.31 -28.58
N LYS A 184 1.50 -14.49 -28.29
CA LYS A 184 1.31 -13.13 -27.77
C LYS A 184 0.76 -12.18 -28.84
N ALA A 185 -0.52 -11.81 -28.69
CA ALA A 185 -1.19 -10.92 -29.64
C ALA A 185 -2.32 -10.12 -29.00
N GLU A 186 -2.48 -8.88 -29.45
CA GLU A 186 -3.57 -8.00 -29.01
C GLU A 186 -4.17 -7.30 -30.23
N HIS A 187 -5.49 -7.44 -30.39
CA HIS A 187 -6.21 -6.94 -31.57
C HIS A 187 -6.22 -5.41 -31.70
N TRP A 188 -6.43 -4.93 -32.93
CA TRP A 188 -6.43 -3.50 -33.24
C TRP A 188 -7.21 -3.26 -34.53
N ASN A 189 -8.13 -2.30 -34.50
CA ASN A 189 -8.95 -1.94 -35.65
C ASN A 189 -9.42 -0.49 -35.57
N LEU A 190 -8.86 0.35 -36.44
CA LEU A 190 -9.06 1.80 -36.40
C LEU A 190 -10.49 2.22 -36.70
N LEU A 191 -11.03 3.12 -35.89
CA LEU A 191 -12.40 3.62 -36.04
C LEU A 191 -12.43 5.06 -36.53
N TRP A 192 -11.53 5.87 -35.99
CA TRP A 192 -11.51 7.31 -36.28
C TRP A 192 -10.11 7.84 -35.96
N GLN A 193 -9.59 8.67 -36.85
CA GLN A 193 -8.32 9.36 -36.61
C GLN A 193 -8.42 10.81 -37.06
N ARG A 194 -7.96 11.72 -36.21
CA ARG A 194 -7.96 13.14 -36.55
C ARG A 194 -6.90 13.45 -37.60
N GLU A 195 -7.22 14.41 -38.48
CA GLU A 195 -6.30 14.87 -39.51
C GLU A 195 -5.02 15.45 -38.89
N PRO A 196 -3.85 15.14 -39.49
CA PRO A 196 -2.55 15.53 -38.94
C PRO A 196 -2.47 17.00 -38.55
N MSE A 197 -1.74 17.27 -37.46
CA MSE A 197 -1.56 18.62 -36.94
C MSE A 197 -0.08 18.98 -36.94
O MSE A 197 0.78 18.09 -36.96
CB MSE A 197 -2.07 18.70 -35.49
CG MSE A 197 -3.57 18.77 -35.33
SE MSE A 197 -4.02 19.11 -33.46
CE MSE A 197 -3.42 20.98 -33.35
N GLU A 198 0.21 20.28 -36.90
CA GLU A 198 1.58 20.75 -36.76
C GLU A 198 2.02 20.57 -35.32
N HIS A 199 3.23 20.05 -35.13
CA HIS A 199 3.72 19.73 -33.79
C HIS A 199 5.02 20.48 -33.47
N PRO A 200 4.91 21.74 -32.99
CA PRO A 200 6.07 22.61 -32.77
C PRO A 200 6.88 22.26 -31.53
N PHE A 201 6.24 21.63 -30.54
CA PHE A 201 6.90 21.24 -29.30
C PHE A 201 7.39 19.79 -29.37
N LYS A 202 8.68 19.60 -29.08
CA LYS A 202 9.37 18.34 -29.35
C LYS A 202 10.09 17.72 -28.15
N GLU A 203 9.96 18.34 -26.98
CA GLU A 203 10.58 17.80 -25.77
C GLU A 203 9.75 16.64 -25.19
N ASP A 204 10.42 15.72 -24.51
CA ASP A 204 9.76 14.78 -23.62
C ASP A 204 9.15 15.64 -22.51
N PRO A 205 7.81 15.62 -22.37
CA PRO A 205 7.21 16.54 -21.41
C PRO A 205 7.70 16.29 -19.98
N THR A 206 8.04 15.05 -19.64
CA THR A 206 8.51 14.72 -18.29
C THR A 206 9.85 15.39 -17.99
N GLN A 207 10.73 15.40 -18.98
CA GLN A 207 12.03 16.06 -18.86
C GLN A 207 11.87 17.57 -18.70
N ALA A 208 11.04 18.18 -19.54
CA ALA A 208 10.75 19.61 -19.46
C ALA A 208 10.21 19.97 -18.08
N MSE A 209 9.26 19.15 -17.60
CA MSE A 209 8.63 19.32 -16.29
C MSE A 209 9.66 19.25 -15.17
O MSE A 209 9.61 20.04 -14.23
CB MSE A 209 7.51 18.29 -16.06
CG MSE A 209 6.29 18.48 -16.96
SE MSE A 209 4.87 17.16 -16.73
CE MSE A 209 5.71 15.60 -17.30
N MSE A 210 10.58 18.28 -15.24
CA MSE A 210 11.66 18.17 -14.28
C MSE A 210 12.59 19.37 -14.34
O MSE A 210 13.00 19.89 -13.31
CB MSE A 210 12.47 16.89 -14.50
CG MSE A 210 11.73 15.62 -14.11
SE MSE A 210 12.70 14.02 -14.67
CE MSE A 210 13.62 13.64 -12.99
N LYS A 211 12.89 19.82 -15.56
CA LYS A 211 13.79 20.96 -15.78
C LYS A 211 13.22 22.25 -15.23
N GLU A 212 11.93 22.46 -15.46
CA GLU A 212 11.25 23.71 -15.08
C GLU A 212 10.56 23.66 -13.70
N GLY A 213 10.85 22.62 -12.92
CA GLY A 213 10.40 22.53 -11.52
C GLY A 213 8.91 22.24 -11.32
N TRP A 214 8.32 21.49 -12.24
CA TRP A 214 6.92 21.11 -12.14
C TRP A 214 6.72 19.91 -11.23
N LEU A 215 7.70 19.01 -11.20
CA LEU A 215 7.61 17.75 -10.45
C LEU A 215 8.98 17.15 -10.14
N LYS A 216 9.00 16.14 -9.28
CA LYS A 216 10.22 15.38 -8.99
C LYS A 216 9.85 13.93 -8.78
N ARG A 217 10.83 13.03 -8.93
N ARG A 217 10.83 13.03 -8.93
CA ARG A 217 10.61 11.60 -8.64
CA ARG A 217 10.62 11.62 -8.64
C ARG A 217 10.41 11.39 -7.14
C ARG A 217 10.40 11.39 -7.14
N GLY A 218 9.44 10.53 -6.81
CA GLY A 218 9.24 10.09 -5.43
C GLY A 218 10.29 9.06 -5.07
N SER A 219 10.30 8.62 -3.82
CA SER A 219 11.27 7.61 -3.38
C SER A 219 11.03 6.25 -4.03
N SER A 220 9.75 5.92 -4.23
CA SER A 220 9.36 4.61 -4.75
C SER A 220 9.50 4.50 -6.28
N ARG A 221 9.63 3.27 -6.76
CA ARG A 221 9.76 2.97 -8.19
C ARG A 221 8.59 3.58 -8.98
N GLY A 222 8.87 4.20 -10.13
CA GLY A 222 7.81 4.74 -11.00
C GLY A 222 6.84 5.69 -10.31
N GLN A 223 7.37 6.52 -9.42
CA GLN A 223 6.55 7.36 -8.56
C GLN A 223 6.97 8.82 -8.64
N TRP A 224 5.99 9.70 -8.68
CA TRP A 224 6.26 11.13 -8.86
C TRP A 224 5.62 11.96 -7.76
N ILE A 225 6.28 13.08 -7.42
CA ILE A 225 5.72 14.10 -6.54
C ILE A 225 5.41 15.30 -7.43
N HIS A 226 4.17 15.78 -7.38
CA HIS A 226 3.75 16.88 -8.25
C HIS A 226 3.73 18.22 -7.53
N GLY A 227 4.55 19.15 -8.02
CA GLY A 227 4.56 20.52 -7.54
C GLY A 227 3.31 21.26 -7.95
N PRO A 228 3.15 22.50 -7.48
CA PRO A 228 1.92 23.26 -7.75
C PRO A 228 1.55 23.40 -9.24
N GLN A 229 2.53 23.54 -10.12
CA GLN A 229 2.26 23.66 -11.56
C GLN A 229 1.66 22.39 -12.12
N SER A 230 2.27 21.25 -11.82
CA SER A 230 1.77 19.97 -12.32
C SER A 230 0.43 19.58 -11.69
N ALA A 231 0.26 19.88 -10.40
CA ALA A 231 -1.00 19.60 -9.71
C ALA A 231 -2.15 20.40 -10.31
N ARG A 232 -1.84 21.63 -10.74
CA ARG A 232 -2.85 22.48 -11.37
C ARG A 232 -3.38 21.86 -12.65
N ILE A 233 -2.49 21.27 -13.43
CA ILE A 233 -2.85 20.60 -14.67
C ILE A 233 -3.74 19.39 -14.39
N PHE A 234 -3.34 18.59 -13.42
CA PHE A 234 -4.14 17.44 -12.96
C PHE A 234 -5.54 17.86 -12.54
N ARG A 235 -5.62 18.94 -11.75
CA ARG A 235 -6.90 19.43 -11.24
C ARG A 235 -7.73 20.14 -12.32
N THR A 236 -7.07 20.61 -13.38
CA THR A 236 -7.78 21.18 -14.53
C THR A 236 -8.47 20.08 -15.35
N PHE A 237 -7.76 18.99 -15.62
CA PHE A 237 -8.35 17.86 -16.34
C PHE A 237 -9.55 17.29 -15.58
N GLU A 238 -9.40 17.19 -14.26
CA GLU A 238 -10.45 16.70 -13.37
C GLU A 238 -11.69 17.58 -13.50
N LYS A 239 -11.49 18.90 -13.44
CA LYS A 239 -12.56 19.89 -13.63
C LYS A 239 -13.26 19.73 -14.99
N ILE A 240 -12.48 19.55 -16.06
CA ILE A 240 -13.04 19.32 -17.39
C ILE A 240 -13.93 18.06 -17.44
N VAL A 241 -13.42 16.95 -16.91
CA VAL A 241 -14.19 15.69 -16.88
C VAL A 241 -15.50 15.88 -16.10
N LEU A 242 -15.42 16.46 -14.90
CA LEU A 242 -16.61 16.76 -14.10
C LEU A 242 -17.65 17.60 -14.84
N GLU A 243 -17.21 18.73 -15.40
CA GLU A 243 -18.11 19.73 -15.97
C GLU A 243 -18.55 19.43 -17.40
N GLU A 244 -17.69 18.78 -18.17
CA GLU A 244 -17.98 18.52 -19.59
C GLU A 244 -18.55 17.13 -19.85
N LEU A 245 -18.40 16.24 -18.88
CA LEU A 245 -18.77 14.85 -19.07
C LEU A 245 -19.68 14.33 -17.95
N LEU A 246 -19.20 14.34 -16.70
CA LEU A 246 -19.89 13.67 -15.60
C LEU A 246 -21.20 14.37 -15.18
N GLU A 247 -21.16 15.68 -15.02
CA GLU A 247 -22.36 16.47 -14.72
C GLU A 247 -23.42 16.43 -15.84
N PRO A 248 -23.04 16.73 -17.10
CA PRO A 248 -24.07 16.72 -18.15
C PRO A 248 -24.73 15.36 -18.35
N LEU A 249 -23.98 14.28 -18.11
CA LEU A 249 -24.51 12.93 -18.30
C LEU A 249 -25.21 12.37 -17.05
N GLY A 250 -25.11 13.09 -15.94
CA GLY A 250 -25.82 12.74 -14.70
C GLY A 250 -25.17 11.63 -13.89
N TYR A 251 -23.84 11.67 -13.78
CA TYR A 251 -23.09 10.72 -12.97
C TYR A 251 -22.99 11.21 -11.53
N ARG A 252 -23.08 10.29 -10.57
CA ARG A 252 -23.03 10.63 -9.15
C ARG A 252 -21.74 10.14 -8.54
N GLU A 253 -21.05 11.00 -7.81
CA GLU A 253 -19.81 10.61 -7.17
C GLU A 253 -20.03 9.65 -6.00
N MSE A 254 -19.18 8.63 -5.94
CA MSE A 254 -19.08 7.71 -4.81
C MSE A 254 -17.64 7.64 -4.34
O MSE A 254 -16.75 8.25 -4.96
CB MSE A 254 -19.57 6.32 -5.23
CG MSE A 254 -21.09 6.24 -5.35
SE MSE A 254 -21.75 4.43 -5.61
CE MSE A 254 -20.97 3.53 -3.99
N ILE A 255 -17.39 6.93 -3.25
CA ILE A 255 -16.01 6.65 -2.85
C ILE A 255 -15.79 5.14 -2.77
N PHE A 256 -14.95 4.63 -3.68
CA PHE A 256 -14.57 3.22 -3.75
C PHE A 256 -13.34 2.95 -2.88
N PRO A 257 -13.32 1.83 -2.14
CA PRO A 257 -12.13 1.39 -1.41
C PRO A 257 -10.91 1.24 -2.30
N LYS A 258 -9.72 1.52 -1.75
CA LYS A 258 -8.47 1.39 -2.50
C LYS A 258 -7.65 0.15 -2.12
N LEU A 259 -7.85 -0.37 -0.92
CA LEU A 259 -7.23 -1.64 -0.53
C LEU A 259 -8.14 -2.76 -1.00
N VAL A 260 -7.67 -3.57 -1.93
CA VAL A 260 -8.50 -4.61 -2.53
C VAL A 260 -8.14 -5.99 -1.99
N THR A 261 -9.15 -6.73 -1.52
CA THR A 261 -8.97 -8.06 -0.94
C THR A 261 -9.13 -9.16 -1.98
N TRP A 262 -8.65 -10.36 -1.67
CA TRP A 262 -8.82 -11.50 -2.60
C TRP A 262 -10.31 -11.75 -2.96
N GLU A 263 -11.20 -11.57 -1.99
CA GLU A 263 -12.65 -11.75 -2.22
C GLU A 263 -13.13 -10.97 -3.46
N VAL A 264 -12.77 -9.69 -3.53
CA VAL A 264 -13.13 -8.81 -4.64
C VAL A 264 -12.56 -9.31 -5.98
N TRP A 265 -11.24 -9.58 -6.00
CA TRP A 265 -10.58 -10.01 -7.25
C TRP A 265 -11.00 -11.40 -7.74
N MSE A 266 -11.43 -12.26 -6.83
CA MSE A 266 -12.00 -13.55 -7.21
C MSE A 266 -13.33 -13.35 -7.95
O MSE A 266 -13.58 -13.98 -8.98
CB MSE A 266 -12.21 -14.46 -5.98
CG MSE A 266 -10.91 -14.93 -5.30
SE MSE A 266 -11.28 -16.08 -3.76
CE MSE A 266 -11.35 -14.87 -2.40
N LYS A 267 -14.16 -12.46 -7.44
CA LYS A 267 -15.45 -12.15 -8.05
C LYS A 267 -15.30 -11.39 -9.38
N SER A 268 -14.27 -10.55 -9.46
CA SER A 268 -14.00 -9.78 -10.67
C SER A 268 -13.22 -10.54 -11.74
N GLY A 269 -12.68 -11.70 -11.39
CA GLY A 269 -11.88 -12.51 -12.32
C GLY A 269 -10.40 -12.17 -12.35
N HIS A 270 -9.99 -11.11 -11.66
CA HIS A 270 -8.57 -10.74 -11.60
C HIS A 270 -7.68 -11.80 -10.91
N ALA A 271 -8.28 -12.59 -10.01
CA ALA A 271 -7.58 -13.67 -9.33
C ALA A 271 -7.12 -14.79 -10.27
N LYS A 272 -7.57 -14.75 -11.52
CA LYS A 272 -7.15 -15.72 -12.53
C LYS A 272 -5.73 -15.45 -13.05
N GLY A 273 -5.25 -14.21 -12.96
CA GLY A 273 -3.93 -13.89 -13.53
C GLY A 273 -3.29 -12.52 -13.32
N VAL A 274 -3.81 -11.71 -12.41
CA VAL A 274 -3.28 -10.35 -12.23
C VAL A 274 -1.96 -10.30 -11.44
N TYR A 275 -1.57 -11.42 -10.85
CA TYR A 275 -0.45 -11.49 -9.90
C TYR A 275 0.88 -10.79 -10.26
N PRO A 276 1.36 -10.92 -11.53
CA PRO A 276 2.67 -10.27 -11.83
C PRO A 276 2.72 -8.74 -11.68
N GLU A 277 1.58 -8.06 -11.64
CA GLU A 277 1.58 -6.58 -11.68
C GLU A 277 1.14 -5.94 -10.37
N ILE A 278 0.80 -6.76 -9.38
CA ILE A 278 0.19 -6.25 -8.16
C ILE A 278 1.22 -5.78 -7.15
N TYR A 279 0.91 -4.67 -6.48
CA TYR A 279 1.61 -4.30 -5.25
C TYR A 279 0.85 -4.89 -4.05
N TYR A 280 1.43 -5.95 -3.47
CA TYR A 280 0.76 -6.73 -2.44
C TYR A 280 0.74 -6.01 -1.10
N VAL A 281 -0.32 -6.22 -0.34
CA VAL A 281 -0.49 -5.57 0.95
C VAL A 281 -0.60 -6.61 2.07
N CYS A 282 0.28 -6.48 3.07
CA CYS A 282 0.26 -7.34 4.25
C CYS A 282 0.07 -6.53 5.52
N PRO A 283 -0.91 -6.90 6.35
CA PRO A 283 -1.03 -6.32 7.69
C PRO A 283 0.06 -6.91 8.59
N PRO A 284 0.31 -6.28 9.76
CA PRO A 284 1.24 -6.91 10.70
C PRO A 284 0.58 -8.16 11.29
N GLN A 285 1.37 -9.14 11.73
CA GLN A 285 0.78 -10.33 12.34
C GLN A 285 0.03 -9.98 13.63
N THR A 286 0.52 -8.97 14.34
CA THR A 286 -0.12 -8.43 15.54
C THR A 286 0.25 -6.96 15.75
N ARG A 287 -0.58 -6.23 16.50
CA ARG A 287 -0.30 -4.84 16.90
C ARG A 287 0.54 -4.76 18.16
N ASP A 288 0.75 -5.90 18.80
CA ASP A 288 1.58 -5.97 20.02
C ASP A 288 2.95 -5.32 19.81
N PRO A 289 3.20 -4.18 20.49
CA PRO A 289 4.46 -3.46 20.32
C PRO A 289 5.69 -4.23 20.80
N ASP A 290 5.48 -5.18 21.71
CA ASP A 290 6.55 -6.06 22.18
C ASP A 290 7.05 -6.95 21.04
N TYR A 291 6.14 -7.31 20.14
CA TYR A 291 6.43 -8.13 18.98
C TYR A 291 7.30 -7.38 17.96
N TRP A 292 7.19 -6.05 17.97
CA TRP A 292 7.89 -5.18 17.02
C TRP A 292 9.10 -4.48 17.61
N GLU A 293 9.33 -4.69 18.91
CA GLU A 293 10.44 -4.05 19.62
C GLU A 293 11.79 -4.39 19.00
N GLU A 294 11.98 -5.66 18.64
CA GLU A 294 13.22 -6.13 18.01
C GLU A 294 13.52 -5.42 16.69
N VAL A 295 12.48 -5.13 15.91
CA VAL A 295 12.62 -4.41 14.64
C VAL A 295 13.04 -2.96 14.88
N ALA A 296 12.30 -2.30 15.79
CA ALA A 296 12.57 -0.91 16.14
C ALA A 296 13.95 -0.72 16.74
N ASP A 297 14.34 -1.62 17.65
CA ASP A 297 15.66 -1.57 18.30
C ASP A 297 16.77 -1.80 17.28
N TYR A 298 16.55 -2.73 16.35
CA TYR A 298 17.52 -2.99 15.28
C TYR A 298 17.75 -1.71 14.48
N TYR A 299 16.68 -1.05 14.07
CA TYR A 299 16.79 0.19 13.31
C TYR A 299 17.51 1.29 14.10
N LYS A 300 17.10 1.52 15.34
CA LYS A 300 17.68 2.60 16.17
C LYS A 300 19.19 2.48 16.36
N VAL A 301 19.70 1.25 16.37
CA VAL A 301 21.12 1.02 16.59
C VAL A 301 21.93 1.06 15.29
N THR A 302 21.43 0.42 14.24
CA THR A 302 22.13 0.28 12.95
C THR A 302 21.82 1.40 11.95
N HIS A 303 20.65 2.02 12.10
CA HIS A 303 20.07 2.95 11.11
C HIS A 303 19.81 2.28 9.75
N GLU A 304 19.49 0.99 9.82
CA GLU A 304 19.10 0.18 8.69
C GLU A 304 17.82 -0.55 9.11
N VAL A 305 16.75 -0.36 8.36
CA VAL A 305 15.51 -1.07 8.65
C VAL A 305 15.62 -2.54 8.19
N PRO A 306 15.33 -3.49 9.09
CA PRO A 306 15.58 -4.91 8.84
C PRO A 306 14.48 -5.56 8.02
N THR A 307 14.54 -5.39 6.70
CA THR A 307 13.42 -5.80 5.82
C THR A 307 13.19 -7.31 5.79
N LYS A 308 14.26 -8.09 5.97
CA LYS A 308 14.16 -9.55 6.03
C LYS A 308 13.36 -9.99 7.26
N LEU A 309 13.71 -9.45 8.43
CA LEU A 309 12.97 -9.73 9.67
C LEU A 309 11.53 -9.23 9.61
N ILE A 310 11.32 -8.05 9.04
CA ILE A 310 9.97 -7.50 8.89
C ILE A 310 9.09 -8.42 8.06
N LYS A 311 9.65 -9.02 7.01
CA LYS A 311 8.89 -9.94 6.16
C LYS A 311 8.37 -11.18 6.91
N GLU A 312 9.18 -11.70 7.84
CA GLU A 312 8.75 -12.83 8.67
C GLU A 312 7.62 -12.42 9.62
N LYS A 313 7.62 -11.15 10.03
CA LYS A 313 6.71 -10.64 11.04
C LYS A 313 5.40 -10.08 10.49
N ILE A 314 5.29 -9.95 9.16
CA ILE A 314 4.04 -9.53 8.55
C ILE A 314 3.21 -10.76 8.16
N ALA A 315 1.89 -10.58 8.10
CA ALA A 315 0.99 -11.65 7.72
C ALA A 315 1.11 -11.92 6.23
N GLU A 316 0.47 -13.00 5.79
CA GLU A 316 0.31 -13.27 4.37
C GLU A 316 -0.51 -12.15 3.72
N PRO A 317 -0.25 -11.85 2.44
CA PRO A 317 -0.99 -10.74 1.85
C PRO A 317 -2.50 -10.98 1.85
N ILE A 318 -3.26 -9.95 2.17
CA ILE A 318 -4.73 -10.00 2.19
C ILE A 318 -5.29 -9.60 0.84
N GLY A 319 -4.42 -9.11 -0.03
CA GLY A 319 -4.80 -8.61 -1.34
C GLY A 319 -3.72 -7.67 -1.81
N GLY A 320 -4.13 -6.57 -2.43
CA GLY A 320 -3.17 -5.64 -2.99
C GLY A 320 -3.78 -4.27 -3.14
N MSE A 321 -2.98 -3.30 -3.56
N MSE A 321 -2.97 -3.31 -3.57
CA MSE A 321 -3.48 -1.96 -3.76
CA MSE A 321 -3.40 -1.93 -3.80
C MSE A 321 -4.27 -1.88 -5.06
C MSE A 321 -4.26 -1.86 -5.07
O MSE A 321 -4.08 -2.68 -5.97
O MSE A 321 -4.08 -2.68 -5.98
CB MSE A 321 -2.35 -0.92 -3.73
CB MSE A 321 -2.18 -0.99 -3.90
CG MSE A 321 -1.93 -0.52 -2.32
CG MSE A 321 -1.26 -1.00 -2.67
SE MSE A 321 -3.42 0.07 -1.15
SE MSE A 321 0.19 0.36 -2.61
CE MSE A 321 -4.04 1.65 -2.25
CE MSE A 321 1.28 -0.31 -3.85
N CYS A 322 -5.18 -0.90 -5.10
CA CYS A 322 -6.09 -0.66 -6.22
C CYS A 322 -5.44 -0.89 -7.59
N TYR A 323 -6.00 -1.81 -8.36
CA TYR A 323 -5.44 -2.13 -9.67
C TYR A 323 -6.30 -1.58 -10.81
N ALA A 324 -7.57 -2.01 -10.86
CA ALA A 324 -8.50 -1.58 -11.91
C ALA A 324 -9.51 -0.54 -11.41
N GLN A 325 -9.48 -0.30 -10.09
CA GLN A 325 -10.31 0.70 -9.41
C GLN A 325 -11.81 0.38 -9.27
N CYS A 326 -12.42 -0.16 -10.33
CA CYS A 326 -13.88 -0.48 -10.27
C CYS A 326 -14.27 -1.74 -9.47
N PRO A 327 -13.44 -2.81 -9.49
CA PRO A 327 -13.84 -4.02 -8.74
C PRO A 327 -14.32 -3.80 -7.27
N PRO A 328 -13.59 -2.99 -6.46
CA PRO A 328 -14.08 -2.82 -5.08
C PRO A 328 -15.43 -2.12 -4.93
N PHE A 329 -15.84 -1.33 -5.92
CA PHE A 329 -17.20 -0.77 -5.94
C PHE A 329 -18.26 -1.85 -5.91
N TRP A 330 -18.01 -2.95 -6.61
CA TRP A 330 -19.05 -3.97 -6.82
C TRP A 330 -19.53 -4.66 -5.54
N MSE A 331 -18.75 -4.55 -4.46
CA MSE A 331 -19.22 -5.02 -3.15
C MSE A 331 -20.41 -4.21 -2.64
O MSE A 331 -21.17 -4.69 -1.79
CB MSE A 331 -18.07 -5.01 -2.13
CG MSE A 331 -16.91 -5.97 -2.47
SE MSE A 331 -17.53 -7.85 -2.66
CE MSE A 331 -17.91 -8.27 -0.75
N TYR A 332 -20.57 -2.98 -3.15
CA TYR A 332 -21.74 -2.15 -2.81
C TYR A 332 -23.05 -2.75 -3.32
N VAL A 333 -23.00 -3.39 -4.48
CA VAL A 333 -24.22 -3.97 -5.07
C VAL A 333 -24.29 -5.51 -5.03
N ALA A 334 -23.20 -6.15 -4.57
CA ALA A 334 -23.12 -7.61 -4.54
C ALA A 334 -24.29 -8.24 -3.78
N GLY A 335 -24.89 -9.28 -4.37
CA GLY A 335 -26.00 -10.01 -3.77
C GLY A 335 -27.34 -9.30 -3.80
N GLU A 336 -27.35 -8.08 -4.35
CA GLU A 336 -28.55 -7.24 -4.33
C GLU A 336 -29.32 -7.35 -5.63
N THR A 337 -30.60 -6.97 -5.56
CA THR A 337 -31.46 -6.85 -6.72
C THR A 337 -31.83 -5.38 -6.90
N LEU A 338 -31.62 -4.85 -8.10
CA LEU A 338 -31.93 -3.46 -8.39
C LEU A 338 -33.36 -3.30 -8.91
N PRO A 339 -34.15 -2.38 -8.33
CA PRO A 339 -35.46 -2.07 -8.91
C PRO A 339 -35.25 -1.43 -10.27
N ASN A 340 -36.16 -1.68 -11.20
CA ASN A 340 -35.99 -1.19 -12.58
C ASN A 340 -35.98 0.32 -12.70
N GLU A 341 -36.57 1.00 -11.73
CA GLU A 341 -36.51 2.46 -11.63
C GLU A 341 -35.09 3.00 -11.40
N GLU A 342 -34.19 2.15 -10.87
CA GLU A 342 -32.82 2.59 -10.49
C GLU A 342 -31.79 2.58 -11.62
N ILE A 343 -32.10 1.91 -12.73
CA ILE A 343 -31.13 1.78 -13.83
C ILE A 343 -31.40 2.80 -14.97
N PRO A 344 -30.33 3.24 -15.67
CA PRO A 344 -28.92 2.90 -15.44
C PRO A 344 -28.33 3.54 -14.19
N VAL A 345 -27.50 2.79 -13.47
CA VAL A 345 -26.75 3.30 -12.34
C VAL A 345 -25.47 3.88 -12.90
N LYS A 346 -25.22 5.15 -12.62
CA LYS A 346 -24.12 5.90 -13.24
C LYS A 346 -23.33 6.63 -12.17
N VAL A 347 -22.13 6.10 -11.86
CA VAL A 347 -21.34 6.59 -10.73
C VAL A 347 -19.87 6.79 -11.13
N PHE A 348 -19.14 7.58 -10.35
CA PHE A 348 -17.69 7.70 -10.55
C PHE A 348 -16.95 7.81 -9.22
N ASP A 349 -15.66 7.52 -9.28
CA ASP A 349 -14.78 7.64 -8.14
C ASP A 349 -13.48 8.30 -8.56
N ARG A 350 -12.98 9.18 -7.70
CA ARG A 350 -11.68 9.77 -7.87
C ARG A 350 -11.07 10.04 -6.51
N SER A 351 -11.06 9.02 -5.66
CA SER A 351 -10.68 9.18 -4.26
C SER A 351 -9.28 8.71 -3.91
N GLY A 352 -8.48 8.33 -4.90
CA GLY A 352 -7.12 7.87 -4.61
C GLY A 352 -6.33 7.25 -5.72
N THR A 353 -5.29 6.52 -5.33
CA THR A 353 -4.25 6.06 -6.24
C THR A 353 -4.41 4.60 -6.65
N SER A 354 -4.03 4.31 -7.89
CA SER A 354 -3.91 2.96 -8.42
C SER A 354 -2.43 2.59 -8.47
N HIS A 355 -2.12 1.32 -8.24
CA HIS A 355 -0.72 0.90 -8.18
C HIS A 355 -0.51 -0.31 -9.04
N ARG A 356 0.63 -0.33 -9.71
CA ARG A 356 0.85 -1.33 -10.73
C ARG A 356 2.36 -1.50 -10.88
N TYR A 357 2.85 -2.73 -10.94
CA TYR A 357 4.28 -2.97 -11.14
C TYR A 357 4.60 -3.03 -12.64
N GLU A 358 4.99 -1.90 -13.21
CA GLU A 358 5.23 -1.81 -14.66
C GLU A 358 6.50 -2.50 -15.11
N SER A 359 6.47 -2.98 -16.36
CA SER A 359 7.61 -3.62 -16.99
C SER A 359 8.59 -2.56 -17.50
N GLY A 360 9.66 -3.02 -18.13
CA GLY A 360 10.74 -2.14 -18.56
C GLY A 360 11.48 -1.56 -17.38
N GLY A 361 12.21 -0.49 -17.63
CA GLY A 361 12.93 0.21 -16.57
C GLY A 361 12.38 1.60 -16.40
N ILE A 362 13.26 2.59 -16.57
CA ILE A 362 12.95 4.00 -16.34
C ILE A 362 11.99 4.59 -17.38
N HIS A 363 10.88 5.16 -16.90
CA HIS A 363 9.89 5.83 -17.75
C HIS A 363 9.60 7.24 -17.23
N GLY A 364 8.92 8.04 -18.05
CA GLY A 364 8.36 9.31 -17.61
C GLY A 364 6.96 9.08 -17.05
N ILE A 365 6.19 10.16 -16.91
CA ILE A 365 4.86 10.06 -16.31
C ILE A 365 3.86 9.28 -17.18
N GLU A 366 4.25 8.98 -18.42
CA GLU A 366 3.40 8.20 -19.33
C GLU A 366 3.24 6.74 -18.88
N ARG A 367 4.14 6.27 -18.02
CA ARG A 367 4.13 4.89 -17.55
C ARG A 367 4.71 4.80 -16.14
N VAL A 368 3.83 4.95 -15.14
CA VAL A 368 4.22 5.03 -13.73
C VAL A 368 3.67 3.83 -12.93
N ASP A 369 4.19 3.61 -11.73
CA ASP A 369 3.72 2.54 -10.84
C ASP A 369 2.64 3.03 -9.87
N GLU A 370 2.45 4.36 -9.80
CA GLU A 370 1.42 4.94 -8.95
C GLU A 370 0.74 6.07 -9.73
N PHE A 371 -0.53 5.87 -10.08
CA PHE A 371 -1.24 6.88 -10.88
C PHE A 371 -2.59 7.31 -10.31
N HIS A 372 -3.14 8.36 -10.90
CA HIS A 372 -4.40 8.93 -10.43
C HIS A 372 -5.43 8.90 -11.53
N ARG A 373 -6.50 8.14 -11.28
CA ARG A 373 -7.54 7.90 -12.25
C ARG A 373 -8.92 8.23 -11.68
N ILE A 374 -9.77 8.80 -12.54
CA ILE A 374 -11.19 8.94 -12.28
C ILE A 374 -11.82 7.74 -12.94
N GLU A 375 -12.44 6.87 -12.14
CA GLU A 375 -13.04 5.65 -12.67
C GLU A 375 -14.54 5.85 -12.80
N ILE A 376 -15.05 5.63 -14.00
CA ILE A 376 -16.45 5.84 -14.33
C ILE A 376 -17.09 4.49 -14.60
N VAL A 377 -18.21 4.21 -13.94
CA VAL A 377 -18.88 2.92 -14.02
C VAL A 377 -20.38 3.11 -14.27
N TRP A 378 -20.93 2.31 -15.19
CA TRP A 378 -22.38 2.31 -15.41
C TRP A 378 -22.93 0.89 -15.49
N ILE A 379 -24.14 0.71 -14.95
CA ILE A 379 -24.82 -0.58 -14.88
C ILE A 379 -26.25 -0.39 -15.39
N GLY A 380 -26.70 -1.32 -16.23
CA GLY A 380 -28.06 -1.29 -16.76
C GLY A 380 -28.29 -2.50 -17.65
N THR A 381 -29.39 -2.48 -18.41
CA THR A 381 -29.61 -3.46 -19.46
C THR A 381 -28.53 -3.30 -20.54
N LYS A 382 -28.34 -4.34 -21.36
CA LYS A 382 -27.42 -4.31 -22.49
C LYS A 382 -27.55 -3.02 -23.28
N GLU A 383 -28.77 -2.69 -23.67
CA GLU A 383 -29.06 -1.51 -24.47
C GLU A 383 -28.68 -0.17 -23.81
N GLU A 384 -28.95 -0.03 -22.51
CA GLU A 384 -28.59 1.17 -21.77
C GLU A 384 -27.06 1.30 -21.62
N VAL A 385 -26.39 0.17 -21.46
CA VAL A 385 -24.94 0.16 -21.30
C VAL A 385 -24.26 0.64 -22.59
N LEU A 386 -24.75 0.14 -23.73
CA LEU A 386 -24.26 0.58 -25.04
C LEU A 386 -24.55 2.06 -25.28
N LYS A 387 -25.75 2.50 -24.90
CA LYS A 387 -26.14 3.90 -25.01
C LYS A 387 -25.21 4.80 -24.19
N CYS A 388 -24.96 4.39 -22.94
CA CYS A 388 -24.08 5.14 -22.04
C CYS A 388 -22.67 5.29 -22.59
N ALA A 389 -22.14 4.23 -23.22
CA ALA A 389 -20.82 4.27 -23.86
C ALA A 389 -20.76 5.32 -24.96
N GLU A 390 -21.77 5.34 -25.83
CA GLU A 390 -21.84 6.35 -26.90
C GLU A 390 -21.92 7.79 -26.37
N GLU A 391 -22.69 7.99 -25.30
CA GLU A 391 -22.74 9.26 -24.59
C GLU A 391 -21.33 9.70 -24.18
N LEU A 392 -20.57 8.76 -23.61
CA LEU A 392 -19.18 9.03 -23.20
C LEU A 392 -18.27 9.34 -24.37
N HIS A 393 -18.35 8.55 -25.44
CA HIS A 393 -17.58 8.78 -26.67
C HIS A 393 -17.83 10.17 -27.25
N ASP A 394 -19.09 10.61 -27.20
CA ASP A 394 -19.48 11.95 -27.65
C ASP A 394 -18.78 13.04 -26.83
N ARG A 395 -18.74 12.87 -25.51
CA ARG A 395 -18.16 13.87 -24.62
C ARG A 395 -16.63 13.90 -24.69
N TYR A 396 -16.01 12.72 -24.79
CA TYR A 396 -14.55 12.64 -24.96
C TYR A 396 -14.12 13.35 -26.24
N MSE A 397 -14.83 13.06 -27.33
CA MSE A 397 -14.58 13.70 -28.63
C MSE A 397 -14.60 15.23 -28.53
O MSE A 397 -13.70 15.89 -29.04
CB MSE A 397 -15.58 13.21 -29.68
CG MSE A 397 -15.58 14.02 -30.96
SE MSE A 397 -16.16 13.01 -32.51
CE MSE A 397 -14.51 12.03 -32.87
N HIS A 398 -15.63 15.77 -27.87
CA HIS A 398 -15.74 17.21 -27.63
C HIS A 398 -14.56 17.74 -26.81
N ILE A 399 -14.19 17.01 -25.76
CA ILE A 399 -13.05 17.38 -24.91
C ILE A 399 -11.73 17.40 -25.68
N PHE A 400 -11.48 16.36 -26.48
CA PHE A 400 -10.19 16.22 -27.18
C PHE A 400 -10.05 17.10 -28.43
N ASN A 401 -11.17 17.32 -29.13
CA ASN A 401 -11.18 18.19 -30.30
C ASN A 401 -11.26 19.67 -29.94
N ASP A 402 -12.19 20.01 -29.06
CA ASP A 402 -12.54 21.42 -28.81
C ASP A 402 -11.81 22.10 -27.66
N ILE A 403 -11.48 21.33 -26.61
CA ILE A 403 -10.86 21.91 -25.41
C ILE A 403 -9.36 21.69 -25.35
N LEU A 404 -8.92 20.42 -25.40
CA LEU A 404 -7.49 20.13 -25.43
C LEU A 404 -6.88 20.36 -26.81
N ASP A 405 -7.71 20.20 -27.85
CA ASP A 405 -7.30 20.38 -29.26
C ASP A 405 -6.12 19.49 -29.66
N ILE A 406 -6.15 18.24 -29.22
CA ILE A 406 -5.05 17.30 -29.47
C ILE A 406 -5.25 16.52 -30.78
N GLU A 407 -4.16 15.94 -31.29
CA GLU A 407 -4.24 15.00 -32.40
C GLU A 407 -4.35 13.61 -31.80
N TRP A 408 -5.41 12.90 -32.18
CA TRP A 408 -5.73 11.62 -31.56
C TRP A 408 -6.50 10.69 -32.50
N ARG A 409 -6.65 9.44 -32.06
CA ARG A 409 -7.41 8.44 -32.79
C ARG A 409 -8.08 7.48 -31.80
N LYS A 410 -9.04 6.69 -32.29
CA LYS A 410 -9.61 5.61 -31.49
C LYS A 410 -9.74 4.31 -32.30
N ALA A 411 -9.57 3.19 -31.61
CA ALA A 411 -9.60 1.87 -32.24
C ALA A 411 -10.31 0.85 -31.36
N ARG A 412 -11.03 -0.07 -32.00
CA ARG A 412 -11.71 -1.15 -31.29
C ARG A 412 -10.79 -2.35 -31.04
N VAL A 413 -10.77 -2.81 -29.79
CA VAL A 413 -10.00 -3.97 -29.38
C VAL A 413 -10.96 -5.08 -28.93
N ASN A 430 -19.08 -9.56 -29.29
CA ASN A 430 -19.47 -8.63 -30.34
C ASN A 430 -19.40 -7.18 -29.86
N THR A 431 -20.37 -6.78 -29.04
CA THR A 431 -20.41 -5.44 -28.47
C THR A 431 -19.51 -5.35 -27.24
N VAL A 432 -19.21 -6.51 -26.66
CA VAL A 432 -18.32 -6.62 -25.51
C VAL A 432 -16.87 -6.39 -25.93
N GLY A 433 -16.23 -5.39 -25.32
CA GLY A 433 -14.83 -5.07 -25.60
C GLY A 433 -14.45 -3.66 -25.22
N THR A 434 -13.26 -3.25 -25.66
CA THR A 434 -12.67 -1.98 -25.27
C THR A 434 -12.35 -1.12 -26.50
N THR A 435 -12.69 0.17 -26.40
CA THR A 435 -12.30 1.18 -27.38
C THR A 435 -11.14 1.98 -26.78
N ASP A 436 -10.00 1.95 -27.46
CA ASP A 436 -8.78 2.64 -27.02
C ASP A 436 -8.58 3.96 -27.76
N TYR A 437 -8.37 5.04 -27.00
CA TYR A 437 -7.98 6.33 -27.58
C TYR A 437 -6.45 6.41 -27.55
N GLU A 438 -5.87 6.80 -28.69
CA GLU A 438 -4.42 6.94 -28.80
C GLU A 438 -4.04 8.33 -29.32
N ALA A 439 -2.90 8.84 -28.85
CA ALA A 439 -2.39 10.14 -29.30
C ALA A 439 -0.89 10.11 -29.56
N CYS A 440 -0.44 10.90 -30.53
CA CYS A 440 0.98 10.99 -30.85
C CYS A 440 1.72 11.86 -29.86
N LEU A 441 2.93 11.44 -29.53
CA LEU A 441 3.84 12.21 -28.71
C LEU A 441 5.01 12.64 -29.59
N PRO A 442 5.06 13.92 -29.99
CA PRO A 442 6.07 14.39 -30.97
C PRO A 442 7.50 13.99 -30.64
N TYR A 443 7.88 14.01 -29.36
CA TYR A 443 9.26 13.65 -28.96
C TYR A 443 9.66 12.23 -29.40
N ARG A 444 8.67 11.37 -29.65
CA ARG A 444 8.93 10.00 -30.08
C ARG A 444 9.32 9.88 -31.56
N GLY A 445 9.11 10.97 -32.31
CA GLY A 445 9.53 11.06 -33.72
C GLY A 445 8.41 10.74 -34.69
N PRO A 446 8.70 10.83 -36.01
CA PRO A 446 7.70 10.50 -37.03
C PRO A 446 7.19 9.05 -36.93
N ASP A 447 8.10 8.13 -36.62
CA ASP A 447 7.78 6.70 -36.53
C ASP A 447 7.39 6.28 -35.12
N GLY A 448 7.38 7.25 -34.21
CA GLY A 448 7.04 7.00 -32.82
C GLY A 448 5.72 6.27 -32.64
N GLU A 449 5.69 5.39 -31.66
CA GLU A 449 4.50 4.63 -31.29
C GLU A 449 3.56 5.49 -30.45
N TRP A 450 2.29 5.51 -30.81
CA TRP A 450 1.29 6.35 -30.18
C TRP A 450 0.97 5.86 -28.77
N LEU A 451 0.49 6.76 -27.92
CA LEU A 451 0.21 6.45 -26.52
C LEU A 451 -1.29 6.30 -26.24
N GLU A 452 -1.67 5.14 -25.69
CA GLU A 452 -3.03 4.93 -25.19
C GLU A 452 -3.23 5.82 -23.98
N PHE A 453 -4.21 6.71 -24.05
CA PHE A 453 -4.43 7.68 -22.97
C PHE A 453 -5.86 7.67 -22.43
N GLN A 454 -6.73 6.88 -23.06
CA GLN A 454 -8.16 6.84 -22.69
C GLN A 454 -8.82 5.56 -23.21
N ASN A 455 -9.67 4.96 -22.38
CA ASN A 455 -10.48 3.83 -22.83
C ASN A 455 -11.94 3.86 -22.37
N VAL A 456 -12.81 3.21 -23.15
CA VAL A 456 -14.20 2.96 -22.79
C VAL A 456 -14.44 1.47 -23.00
N SER A 457 -14.81 0.78 -21.92
CA SER A 457 -15.01 -0.67 -21.98
C SER A 457 -16.47 -1.08 -21.78
N ILE A 458 -16.95 -1.96 -22.65
CA ILE A 458 -18.22 -2.66 -22.43
C ILE A 458 -17.87 -4.05 -21.91
N ASN A 459 -18.23 -4.30 -20.65
CA ASN A 459 -17.86 -5.53 -19.97
C ASN A 459 -18.88 -6.68 -20.05
N GLY A 460 -20.01 -6.45 -20.73
CA GLY A 460 -21.08 -7.44 -20.79
C GLY A 460 -21.62 -7.75 -19.41
N ASP A 461 -22.02 -9.00 -19.18
CA ASP A 461 -22.60 -9.40 -17.89
C ASP A 461 -21.53 -9.82 -16.87
N LYS A 462 -20.26 -9.61 -17.21
CA LYS A 462 -19.16 -10.10 -16.39
C LYS A 462 -19.28 -9.76 -14.89
N TYR A 463 -19.44 -8.48 -14.58
CA TYR A 463 -19.50 -8.05 -13.19
C TYR A 463 -20.82 -8.37 -12.47
N PRO A 464 -21.99 -8.08 -13.10
CA PRO A 464 -23.23 -8.54 -12.47
C PRO A 464 -23.23 -10.04 -12.15
N LYS A 465 -22.74 -10.88 -13.05
CA LYS A 465 -22.62 -12.33 -12.78
C LYS A 465 -21.60 -12.63 -11.67
N GLY A 466 -20.43 -12.02 -11.75
CA GLY A 466 -19.35 -12.29 -10.78
C GLY A 466 -19.70 -11.87 -9.36
N PHE A 467 -20.46 -10.78 -9.23
CA PHE A 467 -20.86 -10.25 -7.93
C PHE A 467 -22.31 -10.54 -7.58
N ASN A 468 -22.99 -11.30 -8.43
CA ASN A 468 -24.38 -11.73 -8.22
C ASN A 468 -25.31 -10.52 -8.01
N VAL A 469 -25.39 -9.66 -9.03
CA VAL A 469 -26.28 -8.50 -9.02
C VAL A 469 -27.37 -8.79 -10.04
N LYS A 470 -28.62 -8.67 -9.61
CA LYS A 470 -29.77 -8.94 -10.47
C LYS A 470 -30.65 -7.71 -10.66
N LEU A 471 -31.45 -7.74 -11.73
CA LEU A 471 -32.47 -6.74 -11.99
C LEU A 471 -33.83 -7.29 -11.56
N GLN A 472 -34.70 -6.41 -11.05
CA GLN A 472 -36.05 -6.82 -10.63
C GLN A 472 -36.87 -7.49 -11.74
N SER A 473 -36.86 -6.92 -12.94
CA SER A 473 -37.60 -7.48 -14.10
C SER A 473 -37.04 -8.82 -14.57
N GLY A 474 -35.79 -9.09 -14.20
CA GLY A 474 -35.16 -10.36 -14.58
C GLY A 474 -34.34 -10.29 -15.86
N ASP A 475 -34.31 -9.12 -16.49
CA ASP A 475 -33.48 -8.92 -17.68
C ASP A 475 -32.02 -8.85 -17.28
N GLU A 476 -31.14 -9.31 -18.17
CA GLU A 476 -29.71 -9.36 -17.90
C GLU A 476 -29.14 -7.97 -17.64
N LEU A 477 -28.43 -7.83 -16.53
CA LEU A 477 -27.67 -6.62 -16.29
C LEU A 477 -26.32 -6.72 -16.98
N TRP A 478 -25.96 -5.65 -17.67
CA TRP A 478 -24.61 -5.47 -18.18
C TRP A 478 -23.96 -4.32 -17.41
N SER A 479 -22.69 -4.08 -17.69
CA SER A 479 -22.02 -2.90 -17.17
C SER A 479 -20.85 -2.49 -18.07
N GLY A 480 -20.45 -1.22 -17.93
CA GLY A 480 -19.29 -0.70 -18.60
C GLY A 480 -18.48 0.11 -17.59
N CYS A 481 -17.27 0.49 -18.00
CA CYS A 481 -16.43 1.36 -17.21
C CYS A 481 -15.46 2.10 -18.12
N SER A 482 -14.93 3.21 -17.63
CA SER A 482 -14.02 4.06 -18.37
C SER A 482 -13.14 4.79 -17.37
N GLY A 483 -11.83 4.69 -17.52
CA GLY A 483 -10.93 5.30 -16.56
C GLY A 483 -10.19 6.47 -17.17
N VAL A 484 -10.29 7.64 -16.55
CA VAL A 484 -9.52 8.80 -16.97
C VAL A 484 -8.22 8.83 -16.17
N GLY A 485 -7.11 8.55 -16.85
CA GLY A 485 -5.79 8.61 -16.24
C GLY A 485 -5.21 9.99 -16.39
N LEU A 486 -5.01 10.68 -15.27
CA LEU A 486 -4.54 12.06 -15.31
C LEU A 486 -3.09 12.21 -15.77
N GLU A 487 -2.23 11.28 -15.38
CA GLU A 487 -0.84 11.24 -15.86
C GLU A 487 -0.78 11.11 -17.39
N ARG A 488 -1.59 10.22 -17.95
CA ARG A 488 -1.64 9.96 -19.40
C ARG A 488 -2.14 11.17 -20.18
N TRP A 489 -3.22 11.78 -19.71
CA TRP A 489 -3.76 13.00 -20.32
C TRP A 489 -2.72 14.10 -20.30
N ALA A 490 -2.00 14.21 -19.18
CA ALA A 490 -0.92 15.18 -19.03
C ALA A 490 0.23 14.91 -19.99
N ALA A 491 0.64 13.64 -20.14
CA ALA A 491 1.75 13.31 -21.04
C ALA A 491 1.37 13.64 -22.48
N VAL A 492 0.12 13.36 -22.86
CA VAL A 492 -0.37 13.67 -24.22
C VAL A 492 -0.46 15.18 -24.42
N PHE A 493 -1.23 15.86 -23.57
CA PHE A 493 -1.43 17.29 -23.73
C PHE A 493 -0.13 18.09 -23.73
N LEU A 494 0.77 17.78 -22.78
CA LEU A 494 2.01 18.55 -22.63
C LEU A 494 3.08 18.23 -23.70
N ALA A 495 3.06 17.01 -24.23
CA ALA A 495 3.95 16.66 -25.34
C ALA A 495 3.50 17.34 -26.62
N GLN A 496 2.20 17.58 -26.75
CA GLN A 496 1.66 18.20 -27.96
C GLN A 496 1.58 19.73 -27.89
N LYS A 497 1.42 20.28 -26.70
CA LYS A 497 1.17 21.72 -26.55
C LYS A 497 2.29 22.46 -25.82
N GLY A 498 3.14 21.73 -25.11
CA GLY A 498 4.25 22.32 -24.37
C GLY A 498 3.85 22.82 -23.00
N LEU A 499 4.83 23.39 -22.30
CA LEU A 499 4.67 23.84 -20.91
C LEU A 499 4.39 25.34 -20.73
N ASP A 500 4.46 26.10 -21.83
CA ASP A 500 4.18 27.54 -21.82
C ASP A 500 2.68 27.76 -22.06
N PRO A 501 1.98 28.35 -21.07
CA PRO A 501 0.53 28.62 -21.18
C PRO A 501 0.12 29.47 -22.38
N ALA A 502 1.06 30.24 -22.93
CA ALA A 502 0.78 31.06 -24.11
C ALA A 502 0.46 30.22 -25.36
N ASN A 503 1.01 29.01 -25.41
CA ASN A 503 0.83 28.13 -26.57
C ASN A 503 -0.35 27.17 -26.44
N TRP A 504 -1.00 27.16 -25.27
CA TRP A 504 -2.15 26.31 -25.02
C TRP A 504 -3.42 26.87 -25.67
N PRO A 505 -4.35 25.98 -26.07
CA PRO A 505 -5.63 26.44 -26.62
C PRO A 505 -6.34 27.36 -25.64
N GLU A 506 -7.00 28.39 -26.16
CA GLU A 506 -7.78 29.34 -25.37
C GLU A 506 -8.72 28.64 -24.37
N GLU A 507 -9.45 27.64 -24.86
CA GLU A 507 -10.43 26.92 -24.04
C GLU A 507 -9.80 26.25 -22.81
N PHE A 508 -8.55 25.81 -22.94
CA PHE A 508 -7.84 25.20 -21.82
C PHE A 508 -7.30 26.23 -20.85
N ARG A 509 -6.78 27.34 -21.40
CA ARG A 509 -6.21 28.40 -20.58
C ARG A 509 -7.25 29.08 -19.69
N ASN A 510 -8.47 29.21 -20.18
CA ASN A 510 -9.56 29.80 -19.42
C ASN A 510 -9.98 28.97 -18.21
N ARG A 511 -9.77 27.65 -18.31
CA ARG A 511 -10.15 26.71 -17.25
C ARG A 511 -9.02 26.53 -16.23
N VAL A 512 -7.80 26.79 -16.67
CA VAL A 512 -6.60 26.72 -15.81
C VAL A 512 -6.54 27.89 -14.82
N GLY A 513 -6.86 29.09 -15.31
CA GLY A 513 -6.68 30.31 -14.53
C GLY A 513 -5.23 30.74 -14.59
N GLU A 514 -4.81 31.57 -13.63
CA GLU A 514 -3.40 31.93 -13.53
C GLU A 514 -2.60 30.78 -12.95
N MSE A 515 -1.61 30.32 -13.70
CA MSE A 515 -0.75 29.22 -13.29
C MSE A 515 -0.01 29.58 -11.99
O MSE A 515 0.49 30.70 -11.86
CB MSE A 515 0.26 28.86 -14.38
CG MSE A 515 -0.32 27.98 -15.48
SE MSE A 515 -0.64 26.14 -14.88
CE MSE A 515 1.22 25.56 -14.83
N PRO A 516 0.04 28.64 -11.04
CA PRO A 516 0.78 28.92 -9.82
C PRO A 516 2.28 28.85 -10.07
N LYS A 517 3.05 29.55 -9.25
CA LYS A 517 4.50 29.40 -9.26
C LYS A 517 4.88 28.13 -8.49
N GLY A 518 6.05 27.58 -8.81
CA GLY A 518 6.53 26.41 -8.10
C GLY A 518 7.33 26.78 -6.87
N ILE A 519 8.00 25.79 -6.31
CA ILE A 519 8.97 26.02 -5.25
C ILE A 519 10.35 26.07 -5.90
N ARG A 520 11.07 27.15 -5.66
CA ARG A 520 12.38 27.35 -6.29
C ARG A 520 13.48 27.07 -5.28
N PHE A 521 14.53 26.39 -5.72
CA PHE A 521 15.66 26.05 -4.87
C PHE A 521 16.93 26.77 -5.34
N LEU A 522 17.84 27.06 -4.41
CA LEU A 522 19.13 27.67 -4.71
C LEU A 522 20.03 26.75 -5.54
N GLY B 18 14.55 9.92 40.78
CA GLY B 18 15.68 9.97 39.82
C GLY B 18 17.01 9.55 40.43
N SER B 19 17.78 8.77 39.67
CA SER B 19 19.13 8.38 40.06
C SER B 19 20.12 9.46 39.65
N HIS B 20 21.08 9.73 40.53
CA HIS B 20 22.10 10.74 40.28
C HIS B 20 23.43 10.14 39.81
N MSE B 21 23.46 8.84 39.60
CA MSE B 21 24.69 8.15 39.17
C MSE B 21 25.24 8.74 37.87
O MSE B 21 24.48 9.06 36.95
CB MSE B 21 24.46 6.65 39.01
CG MSE B 21 25.75 5.83 38.84
SE MSE B 21 25.42 4.03 38.15
CE MSE B 21 27.19 3.56 37.59
N LYS B 22 26.56 8.89 37.82
CA LYS B 22 27.26 9.46 36.68
C LYS B 22 27.18 8.57 35.43
N LEU B 23 26.84 9.17 34.29
CA LEU B 23 26.98 8.50 33.00
C LEU B 23 28.47 8.35 32.70
N GLN B 24 28.92 7.13 32.50
CA GLN B 24 30.35 6.84 32.35
C GLN B 24 30.62 5.83 31.25
N PHE B 25 31.64 6.12 30.42
CA PHE B 25 32.09 5.21 29.36
C PHE B 25 33.47 4.69 29.73
N ASN B 26 33.66 3.38 29.57
CA ASN B 26 34.95 2.73 29.82
C ASN B 26 35.41 1.94 28.60
N LEU B 27 36.58 2.27 28.07
CA LEU B 27 37.11 1.65 26.86
C LEU B 27 38.50 1.05 27.12
N LYS B 28 38.65 -0.23 26.81
CA LYS B 28 39.98 -0.86 26.81
C LYS B 28 40.30 -1.29 25.37
N ALA B 29 41.33 -0.66 24.80
CA ALA B 29 41.67 -0.87 23.39
C ALA B 29 43.17 -0.74 23.12
N TYR B 30 43.60 -1.24 21.96
CA TYR B 30 44.99 -1.07 21.49
C TYR B 30 45.07 -0.65 20.03
N PHE B 31 46.12 0.11 19.71
CA PHE B 31 46.37 0.56 18.34
C PHE B 31 47.26 -0.43 17.59
N LYS B 32 46.91 -0.70 16.34
CA LYS B 32 47.71 -1.57 15.47
C LYS B 32 48.93 -0.81 14.95
N THR B 33 50.11 -1.40 15.14
CA THR B 33 51.36 -0.80 14.68
C THR B 33 52.06 -1.74 13.70
N SER B 34 52.77 -1.15 12.74
CA SER B 34 53.53 -1.89 11.73
C SER B 34 54.70 -2.69 12.32
N ALA B 35 55.31 -2.14 13.37
CA ALA B 35 56.42 -2.79 14.06
C ALA B 35 56.34 -2.55 15.57
N ASP B 36 57.43 -2.83 16.28
CA ASP B 36 57.52 -2.59 17.73
C ASP B 36 58.17 -1.25 18.07
N PRO B 37 57.34 -0.28 18.53
CA PRO B 37 57.82 1.05 18.87
C PRO B 37 58.11 1.19 20.37
N THR B 38 59.01 0.38 20.89
CA THR B 38 59.41 0.44 22.29
C THR B 38 60.24 1.71 22.62
N PRO B 39 61.18 2.09 21.73
CA PRO B 39 62.02 3.27 22.01
C PRO B 39 61.29 4.61 22.10
N ALA B 40 60.14 4.71 21.43
CA ALA B 40 59.37 5.95 21.38
C ALA B 40 58.48 6.17 22.61
N LYS B 41 58.80 5.47 23.70
CA LYS B 41 58.01 5.51 24.94
C LYS B 41 57.94 6.90 25.57
N ASP B 42 59.04 7.65 25.50
CA ASP B 42 59.13 8.99 26.08
C ASP B 42 58.19 9.99 25.41
N ALA B 43 58.02 9.85 24.09
CA ALA B 43 57.12 10.70 23.33
C ALA B 43 55.65 10.30 23.52
N ILE B 44 55.41 8.99 23.60
CA ILE B 44 54.07 8.43 23.77
C ILE B 44 53.46 8.82 25.12
N ALA B 45 54.26 8.72 26.18
CA ALA B 45 53.84 9.09 27.53
C ALA B 45 53.58 10.59 27.67
N ALA B 46 54.39 11.39 26.97
CA ALA B 46 54.28 12.85 26.99
C ALA B 46 53.01 13.37 26.32
N LEU B 47 52.57 12.69 25.26
CA LEU B 47 51.38 13.10 24.52
C LEU B 47 50.08 12.79 25.29
N PHE B 48 50.09 11.67 26.03
CA PHE B 48 48.93 11.24 26.82
C PHE B 48 48.63 12.18 28.00
N GLU B 49 49.69 12.66 28.65
CA GLU B 49 49.56 13.59 29.77
C GLU B 49 49.05 14.95 29.30
N GLU B 50 49.52 15.37 28.13
CA GLU B 50 49.07 16.63 27.53
C GLU B 50 47.66 16.50 26.96
N ALA B 51 47.29 15.30 26.53
CA ALA B 51 45.93 15.02 26.06
C ALA B 51 44.92 15.20 27.20
N ASN B 52 45.27 14.67 28.37
CA ASN B 52 44.44 14.77 29.57
C ASN B 52 44.21 16.19 30.08
N SER B 53 45.14 17.09 29.77
CA SER B 53 45.05 18.47 30.20
C SER B 53 44.64 19.44 29.09
N THR B 54 44.82 19.02 27.83
CA THR B 54 44.48 19.87 26.69
C THR B 54 43.51 19.21 25.71
N LEU B 55 44.00 18.23 24.93
CA LEU B 55 43.24 17.64 23.82
C LEU B 55 41.88 17.09 24.23
N LEU B 56 41.88 16.17 25.19
CA LEU B 56 40.67 15.47 25.62
C LEU B 56 39.73 16.34 26.45
N THR B 57 40.16 17.57 26.73
CA THR B 57 39.38 18.53 27.51
C THR B 57 38.47 19.38 26.60
N ARG B 58 38.86 19.50 25.33
CA ARG B 58 38.14 20.32 24.35
C ARG B 58 36.74 19.78 24.04
N GLY B 59 35.73 20.63 24.25
CA GLY B 59 34.33 20.24 24.05
C GLY B 59 33.66 19.75 25.32
N ALA B 60 34.38 19.83 26.44
CA ALA B 60 33.86 19.40 27.74
C ALA B 60 33.95 20.53 28.75
N PRO B 61 32.97 20.62 29.67
CA PRO B 61 33.06 21.56 30.78
C PRO B 61 34.28 21.25 31.65
N GLU B 62 34.67 22.20 32.48
CA GLU B 62 35.85 22.09 33.34
C GLU B 62 35.90 20.77 34.10
N GLY B 63 36.98 20.02 33.91
CA GLY B 63 37.22 18.77 34.63
C GLY B 63 36.31 17.62 34.26
N GLN B 64 35.68 17.70 33.09
CA GLN B 64 34.78 16.66 32.60
C GLN B 64 35.28 16.05 31.29
N GLY B 65 36.53 16.33 30.94
CA GLY B 65 37.16 15.78 29.75
C GLY B 65 37.53 14.33 29.91
N ALA B 66 37.87 13.68 28.80
CA ALA B 66 38.24 12.28 28.79
C ALA B 66 39.62 12.07 29.41
N LYS B 67 39.86 10.90 29.98
CA LYS B 67 41.13 10.57 30.60
C LYS B 67 41.64 9.21 30.11
N VAL B 68 42.93 9.15 29.77
CA VAL B 68 43.61 7.87 29.60
C VAL B 68 44.18 7.47 30.96
N THR B 69 43.58 6.45 31.57
CA THR B 69 43.89 6.08 32.95
C THR B 69 45.13 5.20 33.08
N GLU B 70 45.40 4.38 32.07
CA GLU B 70 46.63 3.58 32.03
C GLU B 70 47.06 3.25 30.59
N TRP B 71 48.32 2.84 30.44
CA TRP B 71 48.89 2.52 29.13
C TRP B 71 49.94 1.41 29.27
N LYS B 72 50.04 0.58 28.24
CA LYS B 72 51.02 -0.51 28.20
C LYS B 72 51.45 -0.79 26.77
N LEU B 73 52.62 -1.41 26.61
CA LEU B 73 53.18 -1.66 25.29
C LEU B 73 53.32 -3.14 24.94
N GLY B 74 53.23 -3.44 23.65
CA GLY B 74 53.52 -4.77 23.11
C GLY B 74 54.56 -4.66 22.02
N GLU B 75 54.72 -5.72 21.23
CA GLU B 75 55.70 -5.72 20.14
C GLU B 75 55.09 -5.37 18.78
N ASP B 76 53.86 -4.88 18.79
CA ASP B 76 53.16 -4.42 17.58
C ASP B 76 51.89 -3.66 17.96
N ARG B 77 51.72 -3.39 19.25
CA ARG B 77 50.50 -2.77 19.77
C ARG B 77 50.75 -1.80 20.93
N ILE B 78 49.99 -0.72 20.94
CA ILE B 78 50.01 0.26 22.04
C ILE B 78 48.62 0.30 22.67
N GLU B 79 48.49 -0.24 23.88
CA GLU B 79 47.18 -0.33 24.53
C GLU B 79 46.92 0.77 25.56
N LEU B 80 45.65 1.01 25.83
CA LEU B 80 45.23 2.00 26.82
C LEU B 80 43.89 1.65 27.47
N THR B 81 43.63 2.24 28.62
CA THR B 81 42.30 2.25 29.22
C THR B 81 41.81 3.69 29.20
N LEU B 82 40.76 3.94 28.42
CA LEU B 82 40.22 5.28 28.25
C LEU B 82 38.88 5.39 28.99
N GLN B 83 38.69 6.50 29.70
CA GLN B 83 37.47 6.74 30.46
C GLN B 83 36.88 8.10 30.10
N SER B 84 35.55 8.18 30.11
CA SER B 84 34.85 9.44 29.85
C SER B 84 33.50 9.52 30.55
N GLY B 85 32.97 10.73 30.62
CA GLY B 85 31.56 10.95 30.94
C GLY B 85 30.79 11.16 29.65
N ARG B 86 29.77 12.01 29.70
CA ARG B 86 28.90 12.28 28.55
C ARG B 86 29.57 13.11 27.44
N TYR B 87 30.63 13.83 27.81
CA TYR B 87 31.38 14.66 26.88
C TYR B 87 32.71 14.01 26.49
N VAL B 88 33.20 14.33 25.29
CA VAL B 88 34.43 13.75 24.75
C VAL B 88 34.46 12.24 25.03
N ARG B 89 33.46 11.55 24.51
CA ARG B 89 33.24 10.14 24.78
C ARG B 89 34.38 9.28 24.23
N VAL B 90 34.57 8.11 24.82
CA VAL B 90 35.72 7.25 24.51
C VAL B 90 35.85 6.86 23.03
N HIS B 91 34.71 6.60 22.40
CA HIS B 91 34.66 6.27 20.97
C HIS B 91 34.89 7.48 20.07
N ASP B 92 34.93 8.67 20.67
CA ASP B 92 35.27 9.91 19.96
C ASP B 92 36.70 10.31 20.31
N ALA B 93 37.09 10.10 21.57
CA ALA B 93 38.41 10.46 22.07
C ALA B 93 39.53 9.60 21.49
N ILE B 94 39.22 8.33 21.18
CA ILE B 94 40.23 7.39 20.68
C ILE B 94 40.72 7.74 19.27
N PHE B 95 39.84 8.32 18.46
CA PHE B 95 40.21 8.80 17.12
C PHE B 95 40.98 10.13 17.18
N ARG B 96 40.78 10.88 18.26
CA ARG B 96 41.56 12.09 18.51
C ARG B 96 43.01 11.73 18.82
N LEU B 97 43.18 10.71 19.67
CA LEU B 97 44.50 10.19 20.02
C LEU B 97 45.18 9.49 18.84
N ARG B 98 44.37 8.97 17.92
CA ARG B 98 44.87 8.29 16.71
C ARG B 98 45.56 9.27 15.75
N LYS B 99 44.96 10.44 15.57
CA LYS B 99 45.47 11.46 14.65
C LYS B 99 46.69 12.21 15.19
N GLN B 100 46.76 12.36 16.52
CA GLN B 100 47.92 12.96 17.18
C GLN B 100 49.11 12.01 17.20
N LEU B 101 48.85 10.75 17.56
CA LEU B 101 49.88 9.71 17.65
C LEU B 101 50.50 9.41 16.27
N ALA B 102 49.72 9.66 15.21
CA ALA B 102 50.18 9.45 13.84
C ALA B 102 51.20 10.50 13.38
N GLU B 103 50.90 11.77 13.68
CA GLU B 103 51.73 12.89 13.25
C GLU B 103 52.99 13.07 14.11
N ALA B 104 52.86 12.74 15.41
CA ALA B 104 53.97 12.87 16.35
C ALA B 104 55.02 11.77 16.18
N LEU B 105 54.58 10.60 15.70
CA LEU B 105 55.47 9.45 15.54
C LEU B 105 55.85 9.17 14.08
N GLY B 106 55.14 9.80 13.14
CA GLY B 106 55.38 9.59 11.71
C GLY B 106 56.56 10.36 11.14
N LYS B 107 56.72 11.60 11.60
CA LYS B 107 57.75 12.50 11.07
C LYS B 107 59.15 12.14 11.56
N LYS B 108 59.33 12.06 12.88
CA LYS B 108 60.65 11.88 13.48
C LYS B 108 60.98 10.43 13.83
N TYR B 109 60.02 9.74 14.45
CA TYR B 109 60.25 8.37 14.94
C TYR B 109 60.04 7.28 13.89
N LYS B 110 59.52 7.68 12.73
CA LYS B 110 59.33 6.80 11.57
C LYS B 110 58.57 5.50 11.87
N ILE B 111 57.36 5.63 12.42
CA ILE B 111 56.53 4.48 12.74
C ILE B 111 55.03 4.75 12.51
N GLY B 112 54.34 3.80 11.90
CA GLY B 112 52.97 3.99 11.45
C GLY B 112 51.92 3.30 12.29
N ILE B 113 50.83 4.02 12.58
CA ILE B 113 49.70 3.50 13.34
C ILE B 113 48.53 3.16 12.41
N ARG B 114 48.11 1.90 12.43
CA ARG B 114 47.07 1.41 11.53
C ARG B 114 45.68 1.52 12.17
N GLY B 115 45.03 0.38 12.39
CA GLY B 115 43.67 0.36 12.93
C GLY B 115 43.58 0.30 14.45
N ILE B 116 42.36 0.42 14.96
CA ILE B 116 42.09 0.35 16.40
C ILE B 116 41.37 -0.95 16.73
N GLU B 117 41.83 -1.63 17.78
CA GLU B 117 41.23 -2.89 18.22
C GLU B 117 40.64 -2.75 19.60
N VAL B 118 39.33 -3.03 19.71
CA VAL B 118 38.60 -2.91 20.96
C VAL B 118 38.64 -4.24 21.74
N GLU B 119 38.99 -4.13 23.02
CA GLU B 119 39.04 -5.30 23.91
C GLU B 119 37.86 -5.33 24.88
N SER B 120 37.42 -4.15 25.33
CA SER B 120 36.20 -4.02 26.13
C SER B 120 35.59 -2.63 26.02
N PHE B 121 34.26 -2.57 25.93
CA PHE B 121 33.53 -1.32 25.88
C PHE B 121 32.38 -1.39 26.87
N ILE B 122 32.46 -0.57 27.92
CA ILE B 122 31.48 -0.57 29.00
C ILE B 122 30.83 0.80 29.17
N ILE B 123 29.49 0.81 29.13
CA ILE B 123 28.71 2.02 29.42
C ILE B 123 27.91 1.80 30.70
N LYS B 124 27.96 2.79 31.60
CA LYS B 124 27.14 2.76 32.82
C LYS B 124 26.15 3.91 32.75
N VAL B 125 24.87 3.58 32.93
CA VAL B 125 23.77 4.53 32.72
C VAL B 125 22.86 4.58 33.94
N PRO B 126 22.52 5.80 34.42
CA PRO B 126 21.62 5.93 35.57
C PRO B 126 20.19 5.48 35.28
N ALA B 127 19.63 4.71 36.21
CA ALA B 127 18.25 4.21 36.11
C ALA B 127 17.71 3.85 37.49
N ASP B 128 16.40 4.03 37.68
CA ASP B 128 15.73 3.71 38.95
C ASP B 128 15.20 2.29 38.97
N HIS B 129 14.63 1.85 37.85
CA HIS B 129 14.01 0.54 37.75
C HIS B 129 14.83 -0.42 36.88
N GLU B 130 14.61 -1.72 37.09
CA GLU B 130 15.22 -2.75 36.25
C GLU B 130 14.60 -2.74 34.85
N LEU B 131 15.35 -3.26 33.88
CA LEU B 131 14.86 -3.41 32.52
C LEU B 131 14.95 -4.86 32.07
N ARG B 132 13.91 -5.32 31.36
CA ARG B 132 13.96 -6.63 30.71
C ARG B 132 14.89 -6.55 29.50
N MSE B 133 15.92 -7.40 29.48
CA MSE B 133 16.89 -7.38 28.40
C MSE B 133 16.30 -7.95 27.11
O MSE B 133 15.62 -8.97 27.12
CB MSE B 133 18.16 -8.15 28.78
CG MSE B 133 19.42 -7.56 28.15
SE MSE B 133 20.41 -8.84 27.08
CE MSE B 133 21.93 -7.71 26.59
N LEU B 134 16.57 -7.26 26.00
CA LEU B 134 16.01 -7.62 24.70
C LEU B 134 17.11 -7.81 23.65
N LYS B 135 16.77 -8.51 22.57
CA LYS B 135 17.71 -8.71 21.48
C LYS B 135 18.02 -7.39 20.78
N VAL B 136 19.16 -6.81 21.13
CA VAL B 136 19.64 -5.56 20.55
C VAL B 136 21.04 -5.79 19.97
N PRO B 137 21.26 -5.38 18.69
CA PRO B 137 22.56 -5.54 18.05
C PRO B 137 23.70 -4.85 18.81
N TYR B 138 24.86 -5.51 18.83
CA TYR B 138 26.10 -4.98 19.42
C TYR B 138 26.17 -4.95 20.94
N ILE B 139 25.07 -5.28 21.63
CA ILE B 139 25.09 -5.37 23.09
C ILE B 139 25.38 -6.80 23.52
N LYS B 140 26.57 -6.99 24.09
CA LYS B 140 27.06 -8.31 24.50
C LYS B 140 26.31 -8.84 25.73
N SER B 141 26.31 -8.06 26.81
CA SER B 141 25.61 -8.43 28.04
C SER B 141 25.11 -7.20 28.79
N MSE B 142 24.18 -7.42 29.72
CA MSE B 142 23.65 -6.36 30.56
C MSE B 142 23.49 -6.84 31.99
O MSE B 142 23.11 -7.98 32.24
CB MSE B 142 22.31 -5.87 30.03
CG MSE B 142 21.82 -4.58 30.67
SE MSE B 142 19.90 -4.26 30.49
CE MSE B 142 19.25 -5.81 31.52
N GLU B 143 23.81 -5.96 32.94
CA GLU B 143 23.68 -6.27 34.37
C GLU B 143 23.31 -5.05 35.19
N ASN B 144 22.46 -5.25 36.20
CA ASN B 144 22.06 -4.20 37.12
C ASN B 144 23.17 -3.90 38.11
N ILE B 145 23.47 -2.61 38.29
CA ILE B 145 24.46 -2.15 39.26
C ILE B 145 23.87 -1.05 40.13
N GLU B 146 24.59 -0.64 41.16
CA GLU B 146 24.10 0.38 42.06
C GLU B 146 23.94 1.71 41.33
N GLY B 147 22.70 2.20 41.28
CA GLY B 147 22.38 3.47 40.66
C GLY B 147 21.98 3.40 39.19
N GLY B 148 22.13 2.24 38.57
CA GLY B 148 21.77 2.10 37.17
C GLY B 148 22.08 0.78 36.47
N ILE B 149 22.41 0.88 35.18
CA ILE B 149 22.60 -0.28 34.31
C ILE B 149 23.99 -0.25 33.71
N GLN B 150 24.65 -1.41 33.69
CA GLN B 150 25.92 -1.56 32.98
C GLN B 150 25.74 -2.38 31.70
N LEU B 151 26.20 -1.81 30.59
CA LEU B 151 26.18 -2.49 29.30
C LEU B 151 27.59 -2.87 28.85
N GLU B 152 27.75 -4.11 28.41
CA GLU B 152 28.97 -4.53 27.72
C GLU B 152 28.68 -4.57 26.22
N LEU B 153 29.54 -3.93 25.44
CA LEU B 153 29.34 -3.81 24.00
C LEU B 153 30.28 -4.70 23.18
N GLU B 154 29.74 -5.29 22.13
CA GLU B 154 30.53 -6.01 21.14
C GLU B 154 30.68 -5.10 19.93
N VAL B 155 31.75 -4.31 19.95
CA VAL B 155 31.92 -3.20 19.00
C VAL B 155 33.38 -3.08 18.55
N GLY B 156 33.59 -2.91 17.25
CA GLY B 156 34.91 -2.67 16.68
C GLY B 156 35.09 -1.20 16.32
N GLU B 157 36.17 -0.88 15.61
CA GLU B 157 36.49 0.52 15.28
C GLU B 157 35.52 1.14 14.28
N ALA B 158 35.02 0.33 13.34
CA ALA B 158 34.04 0.78 12.35
C ALA B 158 32.74 1.24 13.03
N GLU B 159 32.26 0.44 13.99
CA GLU B 159 31.06 0.76 14.75
C GLU B 159 31.23 1.99 15.64
N MSE B 160 32.44 2.17 16.19
CA MSE B 160 32.76 3.36 16.99
C MSE B 160 32.76 4.63 16.13
O MSE B 160 32.21 5.65 16.54
CB MSE B 160 34.11 3.21 17.70
CG MSE B 160 34.10 2.20 18.83
SE MSE B 160 35.60 2.35 20.07
CE MSE B 160 37.09 2.30 18.78
N LYS B 161 33.37 4.54 14.96
CA LYS B 161 33.37 5.64 13.99
C LYS B 161 31.96 5.99 13.52
N ASN B 162 31.13 4.95 13.35
CA ASN B 162 29.71 5.11 12.98
C ASN B 162 28.81 5.59 14.12
N ARG B 163 29.40 5.75 15.31
CA ARG B 163 28.70 6.26 16.49
C ARG B 163 27.58 5.33 17.01
N VAL B 164 27.82 4.02 16.89
CA VAL B 164 26.93 2.99 17.43
C VAL B 164 26.70 3.12 18.96
N PRO B 165 27.78 3.36 19.74
CA PRO B 165 27.61 3.59 21.19
C PRO B 165 26.66 4.74 21.56
N ASP B 166 26.64 5.82 20.78
CA ASP B 166 25.71 6.93 21.04
C ASP B 166 24.26 6.50 20.78
N ARG B 167 24.05 5.71 19.73
CA ARG B 167 22.73 5.20 19.40
C ARG B 167 22.23 4.18 20.41
N ILE B 168 23.14 3.34 20.91
CA ILE B 168 22.83 2.39 21.98
C ILE B 168 22.44 3.13 23.26
N LEU B 169 23.19 4.19 23.59
CA LEU B 169 22.90 5.01 24.76
C LEU B 169 21.54 5.69 24.69
N THR B 170 21.24 6.30 23.55
CA THR B 170 19.95 6.97 23.32
C THR B 170 18.78 5.98 23.43
N LEU B 171 18.97 4.77 22.90
CA LEU B 171 17.97 3.71 23.00
C LEU B 171 17.71 3.31 24.46
N LEU B 172 18.79 3.06 25.21
CA LEU B 172 18.65 2.67 26.62
C LEU B 172 18.04 3.79 27.46
N GLU B 173 18.41 5.04 27.15
CA GLU B 173 17.82 6.20 27.82
C GLU B 173 16.33 6.34 27.54
N GLU B 174 15.92 5.97 26.32
CA GLU B 174 14.52 5.96 25.94
C GLU B 174 13.76 4.90 26.74
N LYS B 175 14.34 3.71 26.83
CA LYS B 175 13.73 2.58 27.55
C LYS B 175 13.66 2.82 29.06
N ILE B 176 14.67 3.52 29.60
CA ILE B 176 14.71 3.91 31.00
C ILE B 176 13.61 4.93 31.31
N GLU B 177 13.49 5.96 30.47
CA GLU B 177 12.47 6.99 30.62
C GLU B 177 11.05 6.43 30.53
N ALA B 178 10.81 5.56 29.55
CA ALA B 178 9.49 4.99 29.31
C ALA B 178 9.01 4.07 30.44
N ALA B 179 9.95 3.36 31.06
CA ALA B 179 9.63 2.41 32.14
C ALA B 179 9.17 3.10 33.42
N GLN B 180 9.65 4.32 33.64
CA GLN B 180 9.32 5.07 34.85
C GLN B 180 8.42 6.29 34.62
N TYR B 181 8.81 7.13 33.65
CA TYR B 181 8.22 8.47 33.50
C TYR B 181 6.96 8.52 32.64
N GLY B 182 7.11 8.51 31.33
CA GLY B 182 5.97 8.67 30.39
C GLY B 182 5.01 7.50 30.41
N ALA B 183 4.45 7.21 31.58
CA ALA B 183 3.57 6.05 31.78
C ALA B 183 2.09 6.41 31.74
N LYS B 184 1.76 7.67 32.11
CA LYS B 184 0.40 8.17 32.06
C LYS B 184 -0.14 8.10 30.61
N ALA B 185 -1.26 7.41 30.44
CA ALA B 185 -1.86 7.18 29.12
C ALA B 185 -1.93 8.46 28.29
N GLU B 186 -2.47 9.53 28.90
CA GLU B 186 -2.57 10.84 28.27
C GLU B 186 -2.34 11.94 29.31
N HIS B 187 -1.52 12.93 28.97
CA HIS B 187 -1.55 14.20 29.69
C HIS B 187 -2.13 15.31 28.79
N TRP B 188 -3.16 15.95 29.33
CA TRP B 188 -4.15 16.68 28.56
C TRP B 188 -4.31 18.07 29.15
N ASN B 189 -4.33 19.08 28.29
CA ASN B 189 -4.35 20.47 28.74
C ASN B 189 -5.37 21.30 27.94
N LEU B 190 -6.49 21.62 28.57
CA LEU B 190 -7.62 22.28 27.90
C LEU B 190 -7.28 23.73 27.57
N LEU B 191 -7.56 24.12 26.33
CA LEU B 191 -7.27 25.47 25.85
C LEU B 191 -8.52 26.32 25.63
N TRP B 192 -9.56 25.69 25.08
CA TRP B 192 -10.81 26.39 24.73
C TRP B 192 -11.93 25.38 24.60
N GLN B 193 -13.11 25.74 25.11
CA GLN B 193 -14.29 24.89 25.04
C GLN B 193 -15.53 25.71 24.66
N ARG B 194 -16.35 25.16 23.76
CA ARG B 194 -17.59 25.83 23.39
C ARG B 194 -18.67 25.64 24.47
N GLU B 195 -19.55 26.63 24.59
CA GLU B 195 -20.74 26.52 25.43
C GLU B 195 -21.57 25.32 24.94
N PRO B 196 -21.90 24.39 25.86
CA PRO B 196 -22.67 23.19 25.51
C PRO B 196 -23.95 23.52 24.74
N MSE B 197 -24.34 22.61 23.86
CA MSE B 197 -25.53 22.77 23.03
C MSE B 197 -26.52 21.66 23.32
O MSE B 197 -26.16 20.64 23.92
CB MSE B 197 -25.14 22.75 21.54
CG MSE B 197 -24.18 23.84 21.10
SE MSE B 197 -23.64 23.62 19.23
CE MSE B 197 -25.45 23.52 18.43
N GLU B 198 -27.77 21.87 22.92
CA GLU B 198 -28.76 20.79 22.96
C GLU B 198 -28.43 19.80 21.86
N HIS B 199 -28.61 18.51 22.16
CA HIS B 199 -28.30 17.43 21.25
C HIS B 199 -29.51 16.52 21.05
N PRO B 200 -30.42 16.90 20.13
CA PRO B 200 -31.67 16.14 19.94
C PRO B 200 -31.49 14.85 19.12
N PHE B 201 -30.36 14.71 18.43
CA PHE B 201 -30.07 13.49 17.67
C PHE B 201 -29.09 12.64 18.44
N LYS B 202 -29.47 11.38 18.66
CA LYS B 202 -28.72 10.48 19.53
C LYS B 202 -28.39 9.12 18.88
N GLU B 203 -28.57 9.01 17.57
CA GLU B 203 -28.18 7.79 16.85
C GLU B 203 -26.68 7.78 16.59
N ASP B 204 -26.10 6.58 16.61
CA ASP B 204 -24.76 6.38 16.06
C ASP B 204 -24.85 6.70 14.57
N PRO B 205 -24.09 7.72 14.09
CA PRO B 205 -24.26 8.13 12.70
C PRO B 205 -23.95 7.01 11.71
N THR B 206 -22.99 6.15 12.05
CA THR B 206 -22.64 5.02 11.19
C THR B 206 -23.82 4.04 10.99
N GLN B 207 -24.55 3.75 12.07
CA GLN B 207 -25.72 2.86 12.00
C GLN B 207 -26.87 3.49 11.19
N ALA B 208 -27.11 4.78 11.43
CA ALA B 208 -28.10 5.55 10.66
C ALA B 208 -27.77 5.61 9.16
N MSE B 209 -26.48 5.81 8.85
CA MSE B 209 -26.03 5.85 7.46
C MSE B 209 -26.21 4.51 6.74
O MSE B 209 -26.58 4.48 5.57
CB MSE B 209 -24.57 6.31 7.37
CG MSE B 209 -24.37 7.75 7.79
SE MSE B 209 -22.52 8.22 7.93
CE MSE B 209 -21.85 6.85 9.01
N MSE B 210 -25.95 3.42 7.44
CA MSE B 210 -26.20 2.09 6.90
C MSE B 210 -27.67 1.83 6.67
O MSE B 210 -28.05 1.33 5.62
CB MSE B 210 -25.62 1.02 7.81
CG MSE B 210 -24.12 0.95 7.72
SE MSE B 210 -23.41 -0.35 8.94
CE MSE B 210 -23.48 -1.84 7.81
N LYS B 211 -28.50 2.19 7.65
CA LYS B 211 -29.95 1.98 7.56
C LYS B 211 -30.57 2.78 6.42
N GLU B 212 -30.10 4.01 6.23
CA GLU B 212 -30.68 4.91 5.23
C GLU B 212 -30.00 4.88 3.86
N GLY B 213 -29.04 3.96 3.68
CA GLY B 213 -28.44 3.70 2.37
C GLY B 213 -27.34 4.67 1.94
N TRP B 214 -26.63 5.23 2.91
CA TRP B 214 -25.56 6.19 2.65
C TRP B 214 -24.25 5.50 2.34
N LEU B 215 -24.03 4.34 2.95
CA LEU B 215 -22.75 3.64 2.82
C LEU B 215 -22.89 2.17 3.18
N LYS B 216 -21.87 1.39 2.86
CA LYS B 216 -21.82 -0.04 3.19
C LYS B 216 -20.39 -0.35 3.62
N ARG B 217 -20.20 -1.46 4.33
CA ARG B 217 -18.85 -1.89 4.66
C ARG B 217 -18.18 -2.42 3.41
N GLY B 218 -16.90 -2.11 3.26
CA GLY B 218 -16.09 -2.71 2.20
C GLY B 218 -15.62 -4.09 2.61
N SER B 219 -14.97 -4.77 1.68
CA SER B 219 -14.45 -6.11 1.89
C SER B 219 -13.33 -6.16 2.95
N SER B 220 -12.51 -5.13 3.00
CA SER B 220 -11.37 -5.08 3.93
C SER B 220 -11.74 -4.59 5.32
N ARG B 221 -10.92 -4.97 6.30
CA ARG B 221 -11.04 -4.57 7.70
C ARG B 221 -11.20 -3.04 7.86
N GLY B 222 -12.17 -2.60 8.66
CA GLY B 222 -12.42 -1.17 8.91
C GLY B 222 -12.44 -0.31 7.66
N GLN B 223 -13.14 -0.80 6.63
CA GLN B 223 -13.17 -0.14 5.33
C GLN B 223 -14.62 0.07 4.91
N TRP B 224 -14.87 1.19 4.25
CA TRP B 224 -16.23 1.59 3.87
C TRP B 224 -16.33 1.97 2.40
N ILE B 225 -17.50 1.71 1.82
CA ILE B 225 -17.85 2.17 0.48
C ILE B 225 -18.93 3.24 0.66
N HIS B 226 -18.67 4.43 0.14
CA HIS B 226 -19.56 5.57 0.34
C HIS B 226 -20.46 5.76 -0.86
N GLY B 227 -21.77 5.63 -0.63
CA GLY B 227 -22.76 5.92 -1.68
C GLY B 227 -22.80 7.41 -1.94
N PRO B 228 -23.63 7.84 -2.92
CA PRO B 228 -23.70 9.25 -3.30
C PRO B 228 -23.98 10.25 -2.16
N GLN B 229 -24.80 9.86 -1.18
CA GLN B 229 -25.16 10.73 -0.06
C GLN B 229 -23.96 11.02 0.85
N SER B 230 -23.25 9.96 1.25
CA SER B 230 -22.06 10.09 2.08
C SER B 230 -20.93 10.79 1.33
N ALA B 231 -20.77 10.47 0.05
CA ALA B 231 -19.73 11.08 -0.78
C ALA B 231 -19.95 12.59 -0.90
N ARG B 232 -21.21 13.00 -1.01
CA ARG B 232 -21.57 14.42 -1.07
C ARG B 232 -21.13 15.18 0.18
N ILE B 233 -21.29 14.54 1.33
CA ILE B 233 -20.85 15.12 2.60
C ILE B 233 -19.34 15.33 2.62
N PHE B 234 -18.59 14.29 2.27
CA PHE B 234 -17.12 14.35 2.18
C PHE B 234 -16.69 15.50 1.27
N ARG B 235 -17.33 15.59 0.12
CA ARG B 235 -17.02 16.63 -0.87
C ARG B 235 -17.32 18.04 -0.38
N THR B 236 -18.35 18.18 0.44
CA THR B 236 -18.73 19.48 1.00
C THR B 236 -17.72 19.94 2.05
N PHE B 237 -17.29 19.04 2.93
CA PHE B 237 -16.22 19.34 3.89
C PHE B 237 -14.96 19.80 3.15
N GLU B 238 -14.62 19.08 2.08
CA GLU B 238 -13.47 19.38 1.23
C GLU B 238 -13.57 20.79 0.66
N LYS B 239 -14.74 21.11 0.12
CA LYS B 239 -15.08 22.43 -0.42
C LYS B 239 -14.94 23.53 0.63
N ILE B 240 -15.38 23.24 1.85
CA ILE B 240 -15.27 24.18 2.97
C ILE B 240 -13.81 24.46 3.34
N VAL B 241 -12.99 23.41 3.39
CA VAL B 241 -11.57 23.56 3.72
C VAL B 241 -10.84 24.36 2.62
N LEU B 242 -11.18 24.11 1.35
CA LEU B 242 -10.57 24.85 0.24
C LEU B 242 -10.92 26.32 0.29
N GLU B 243 -12.22 26.62 0.38
CA GLU B 243 -12.74 27.99 0.26
C GLU B 243 -12.61 28.83 1.52
N GLU B 244 -12.70 28.21 2.70
CA GLU B 244 -12.68 28.96 3.95
C GLU B 244 -11.31 28.99 4.63
N LEU B 245 -10.41 28.11 4.20
CA LEU B 245 -9.10 27.99 4.82
C LEU B 245 -7.93 28.08 3.83
N LEU B 246 -7.84 27.13 2.92
CA LEU B 246 -6.66 26.99 2.06
C LEU B 246 -6.46 28.16 1.08
N GLU B 247 -7.54 28.59 0.43
CA GLU B 247 -7.48 29.71 -0.52
C GLU B 247 -7.19 31.07 0.15
N PRO B 248 -7.98 31.46 1.18
CA PRO B 248 -7.68 32.75 1.82
C PRO B 248 -6.33 32.82 2.55
N LEU B 249 -5.75 31.67 2.90
CA LEU B 249 -4.45 31.64 3.56
C LEU B 249 -3.29 31.39 2.59
N GLY B 250 -3.60 31.24 1.31
CA GLY B 250 -2.59 31.20 0.25
C GLY B 250 -1.87 29.86 0.08
N TYR B 251 -2.55 28.77 0.39
CA TYR B 251 -1.99 27.43 0.23
C TYR B 251 -2.07 26.95 -1.22
N ARG B 252 -1.07 26.20 -1.64
CA ARG B 252 -0.99 25.71 -3.02
C ARG B 252 -1.09 24.20 -3.06
N GLU B 253 -1.94 23.69 -3.94
CA GLU B 253 -2.12 22.24 -4.04
C GLU B 253 -0.92 21.54 -4.68
N MSE B 254 -0.52 20.44 -4.05
CA MSE B 254 0.46 19.52 -4.59
C MSE B 254 -0.09 18.11 -4.56
O MSE B 254 -1.19 17.87 -4.03
CB MSE B 254 1.75 19.60 -3.77
CG MSE B 254 2.54 20.86 -4.05
SE MSE B 254 4.26 20.80 -3.18
CE MSE B 254 5.02 19.12 -3.98
N ILE B 255 0.65 17.17 -5.16
CA ILE B 255 0.30 15.75 -5.08
C ILE B 255 1.43 14.96 -4.43
N PHE B 256 1.17 14.52 -3.19
CA PHE B 256 2.12 13.70 -2.43
C PHE B 256 1.91 12.21 -2.77
N PRO B 257 3.02 11.46 -2.95
CA PRO B 257 2.96 9.99 -3.11
C PRO B 257 2.26 9.30 -1.96
N LYS B 258 1.57 8.20 -2.27
CA LYS B 258 0.84 7.44 -1.26
C LYS B 258 1.53 6.13 -0.84
N LEU B 259 2.39 5.58 -1.68
CA LEU B 259 3.21 4.43 -1.29
C LEU B 259 4.48 5.01 -0.66
N VAL B 260 4.69 4.70 0.61
CA VAL B 260 5.77 5.30 1.37
C VAL B 260 6.89 4.28 1.57
N THR B 261 8.11 4.66 1.20
CA THR B 261 9.29 3.78 1.32
C THR B 261 9.99 3.90 2.67
N TRP B 262 10.82 2.91 2.99
CA TRP B 262 11.66 2.99 4.20
C TRP B 262 12.48 4.26 4.25
N GLU B 263 13.02 4.69 3.10
CA GLU B 263 13.83 5.92 3.04
C GLU B 263 13.10 7.10 3.66
N VAL B 264 11.83 7.27 3.29
CA VAL B 264 11.00 8.37 3.77
C VAL B 264 10.81 8.31 5.29
N TRP B 265 10.39 7.15 5.78
CA TRP B 265 10.16 6.96 7.20
C TRP B 265 11.43 7.02 8.06
N MSE B 266 12.56 6.65 7.47
CA MSE B 266 13.84 6.83 8.16
C MSE B 266 14.12 8.31 8.42
O MSE B 266 14.51 8.70 9.52
CB MSE B 266 14.99 6.20 7.38
CG MSE B 266 15.04 4.70 7.46
SE MSE B 266 16.26 3.98 6.10
CE MSE B 266 17.86 4.78 6.69
N LYS B 267 13.89 9.13 7.39
CA LYS B 267 14.13 10.56 7.47
C LYS B 267 13.07 11.29 8.32
N SER B 268 11.84 10.78 8.34
CA SER B 268 10.77 11.37 9.15
C SER B 268 10.84 10.92 10.62
N GLY B 269 11.54 9.83 10.88
CA GLY B 269 11.66 9.28 12.24
C GLY B 269 10.63 8.19 12.52
N HIS B 270 9.71 7.97 11.58
CA HIS B 270 8.69 6.94 11.72
C HIS B 270 9.28 5.54 11.80
N ALA B 271 10.47 5.36 11.23
CA ALA B 271 11.16 4.07 11.28
C ALA B 271 11.59 3.66 12.70
N LYS B 272 11.41 4.57 13.66
CA LYS B 272 11.72 4.28 15.06
C LYS B 272 10.64 3.49 15.82
N GLY B 273 9.42 3.41 15.27
CA GLY B 273 8.36 2.67 15.96
C GLY B 273 6.97 2.55 15.35
N VAL B 274 6.82 2.96 14.09
CA VAL B 274 5.50 2.96 13.44
C VAL B 274 4.99 1.55 13.09
N TYR B 275 5.87 0.56 13.20
CA TYR B 275 5.65 -0.82 12.72
C TYR B 275 4.31 -1.53 13.10
N PRO B 276 3.84 -1.38 14.36
CA PRO B 276 2.60 -2.09 14.72
C PRO B 276 1.35 -1.64 13.96
N GLU B 277 1.39 -0.46 13.34
CA GLU B 277 0.18 0.12 12.77
C GLU B 277 0.13 0.24 11.25
N ILE B 278 1.17 -0.20 10.55
CA ILE B 278 1.24 0.02 9.11
C ILE B 278 0.68 -1.16 8.30
N TYR B 279 0.08 -0.85 7.17
CA TYR B 279 -0.17 -1.84 6.15
C TYR B 279 1.07 -1.89 5.25
N TYR B 280 1.76 -3.02 5.28
CA TYR B 280 3.02 -3.20 4.55
C TYR B 280 2.75 -3.48 3.09
N VAL B 281 3.66 -2.99 2.24
CA VAL B 281 3.56 -3.17 0.79
C VAL B 281 4.80 -3.92 0.26
N CYS B 282 4.55 -5.00 -0.49
CA CYS B 282 5.60 -5.80 -1.10
C CYS B 282 5.36 -5.84 -2.61
N PRO B 283 6.37 -5.49 -3.40
CA PRO B 283 6.28 -5.66 -4.85
C PRO B 283 6.44 -7.13 -5.19
N PRO B 284 6.05 -7.53 -6.41
CA PRO B 284 6.39 -8.88 -6.86
C PRO B 284 7.92 -8.98 -7.02
N GLN B 285 8.50 -10.15 -6.80
CA GLN B 285 9.95 -10.31 -6.96
C GLN B 285 10.34 -10.17 -8.43
N THR B 286 9.44 -10.63 -9.31
CA THR B 286 9.58 -10.47 -10.74
C THR B 286 8.21 -10.36 -11.43
N ARG B 287 8.21 -9.74 -12.61
CA ARG B 287 7.02 -9.58 -13.43
C ARG B 287 6.83 -10.75 -14.40
N ASP B 288 7.79 -11.67 -14.39
CA ASP B 288 7.80 -12.87 -15.26
C ASP B 288 6.57 -13.75 -15.01
N PRO B 289 5.73 -13.94 -16.05
CA PRO B 289 4.49 -14.73 -15.95
C PRO B 289 4.75 -16.17 -15.46
N ASP B 290 5.86 -16.74 -15.90
CA ASP B 290 6.22 -18.12 -15.57
C ASP B 290 6.39 -18.33 -14.07
N TYR B 291 6.96 -17.31 -13.41
CA TYR B 291 7.14 -17.29 -11.96
C TYR B 291 5.80 -17.30 -11.21
N TRP B 292 4.77 -16.72 -11.83
CA TRP B 292 3.46 -16.57 -11.20
C TRP B 292 2.45 -17.62 -11.66
N GLU B 293 2.84 -18.43 -12.64
CA GLU B 293 1.95 -19.45 -13.21
C GLU B 293 1.44 -20.43 -12.15
N GLU B 294 2.32 -20.82 -11.22
CA GLU B 294 1.94 -21.72 -10.12
C GLU B 294 0.81 -21.16 -9.27
N VAL B 295 0.84 -19.84 -9.04
CA VAL B 295 -0.19 -19.17 -8.26
C VAL B 295 -1.54 -19.21 -8.99
N ALA B 296 -1.54 -18.80 -10.27
CA ALA B 296 -2.73 -18.84 -11.12
C ALA B 296 -3.31 -20.24 -11.24
N ASP B 297 -2.44 -21.23 -11.45
CA ASP B 297 -2.85 -22.64 -11.56
C ASP B 297 -3.51 -23.15 -10.28
N TYR B 298 -2.92 -22.80 -9.14
CA TYR B 298 -3.50 -23.17 -7.84
C TYR B 298 -4.93 -22.65 -7.70
N TYR B 299 -5.14 -21.38 -8.04
CA TYR B 299 -6.46 -20.76 -7.92
C TYR B 299 -7.49 -21.39 -8.87
N LYS B 300 -7.08 -21.67 -10.10
CA LYS B 300 -8.00 -22.24 -11.09
C LYS B 300 -8.48 -23.65 -10.73
N VAL B 301 -7.61 -24.42 -10.06
CA VAL B 301 -7.96 -25.77 -9.64
C VAL B 301 -8.77 -25.80 -8.34
N THR B 302 -8.38 -24.97 -7.35
CA THR B 302 -8.97 -25.02 -6.02
C THR B 302 -10.06 -23.97 -5.77
N HIS B 303 -10.07 -22.92 -6.60
CA HIS B 303 -10.88 -21.70 -6.37
C HIS B 303 -10.49 -21.01 -5.06
N GLU B 304 -9.22 -21.18 -4.67
CA GLU B 304 -8.68 -20.48 -3.50
C GLU B 304 -7.37 -19.80 -3.87
N VAL B 305 -7.15 -18.62 -3.32
CA VAL B 305 -5.91 -17.89 -3.53
C VAL B 305 -4.84 -18.45 -2.57
N PRO B 306 -3.72 -18.93 -3.11
CA PRO B 306 -2.66 -19.53 -2.29
C PRO B 306 -1.78 -18.45 -1.62
N THR B 307 -2.26 -17.92 -0.49
CA THR B 307 -1.59 -16.78 0.16
C THR B 307 -0.22 -17.12 0.74
N LYS B 308 -0.04 -18.37 1.19
CA LYS B 308 1.25 -18.83 1.71
C LYS B 308 2.30 -18.83 0.61
N LEU B 309 1.95 -19.41 -0.54
CA LEU B 309 2.81 -19.40 -1.73
C LEU B 309 3.13 -17.97 -2.22
N ILE B 310 2.12 -17.12 -2.28
CA ILE B 310 2.30 -15.73 -2.73
C ILE B 310 3.29 -14.98 -1.84
N LYS B 311 3.20 -15.20 -0.53
CA LYS B 311 4.11 -14.55 0.41
C LYS B 311 5.57 -14.91 0.13
N GLU B 312 5.80 -16.18 -0.24
CA GLU B 312 7.12 -16.65 -0.67
C GLU B 312 7.59 -15.96 -1.95
N LYS B 313 6.65 -15.60 -2.82
CA LYS B 313 6.97 -15.06 -4.14
C LYS B 313 7.04 -13.53 -4.22
N ILE B 314 6.51 -12.84 -3.22
CA ILE B 314 6.64 -11.38 -3.15
C ILE B 314 8.00 -10.99 -2.57
N ALA B 315 8.43 -9.77 -2.83
CA ALA B 315 9.71 -9.31 -2.32
C ALA B 315 9.55 -8.93 -0.85
N GLU B 316 10.66 -8.58 -0.21
CA GLU B 316 10.61 -8.00 1.12
C GLU B 316 9.87 -6.65 1.05
N PRO B 317 9.21 -6.25 2.15
CA PRO B 317 8.44 -4.99 2.06
C PRO B 317 9.35 -3.81 1.69
N ILE B 318 8.84 -2.91 0.86
CA ILE B 318 9.59 -1.70 0.46
C ILE B 318 9.18 -0.54 1.34
N GLY B 319 8.14 -0.75 2.14
CA GLY B 319 7.62 0.26 3.02
C GLY B 319 6.19 -0.10 3.28
N GLY B 320 5.32 0.91 3.27
CA GLY B 320 3.91 0.68 3.53
C GLY B 320 3.04 1.77 2.94
N MSE B 321 1.73 1.65 3.15
N MSE B 321 1.73 1.63 3.14
CA MSE B 321 0.81 2.63 2.63
CA MSE B 321 0.73 2.58 2.67
C MSE B 321 0.82 3.89 3.50
C MSE B 321 0.79 3.87 3.49
O MSE B 321 1.16 3.84 4.68
O MSE B 321 1.14 3.83 4.67
CB MSE B 321 -0.61 2.04 2.48
CB MSE B 321 -0.69 1.97 2.71
CG MSE B 321 -0.77 1.18 1.22
CG MSE B 321 -0.91 0.75 1.77
SE MSE B 321 -0.18 2.08 -0.45
SE MSE B 321 -2.77 0.05 1.62
CE MSE B 321 -1.50 3.58 -0.48
CE MSE B 321 -2.89 -0.81 3.16
N CYS B 322 0.48 5.00 2.86
CA CYS B 322 0.46 6.32 3.49
C CYS B 322 -0.08 6.29 4.94
N TYR B 323 0.75 6.74 5.88
CA TYR B 323 0.38 6.68 7.29
C TYR B 323 0.09 8.07 7.87
N ALA B 324 1.05 8.98 7.74
CA ALA B 324 0.93 10.33 8.27
C ALA B 324 0.73 11.35 7.15
N GLN B 325 0.90 10.89 5.91
CA GLN B 325 0.63 11.64 4.67
C GLN B 325 1.67 12.69 4.28
N CYS B 326 2.13 13.50 5.23
CA CYS B 326 3.12 14.55 4.94
C CYS B 326 4.56 14.06 4.67
N PRO B 327 5.01 12.96 5.33
CA PRO B 327 6.42 12.57 5.09
C PRO B 327 6.87 12.40 3.63
N PRO B 328 6.10 11.67 2.78
CA PRO B 328 6.59 11.53 1.40
C PRO B 328 6.73 12.84 0.61
N PHE B 329 6.04 13.90 1.05
CA PHE B 329 6.21 15.22 0.44
C PHE B 329 7.66 15.69 0.53
N TRP B 330 8.28 15.42 1.68
CA TRP B 330 9.58 15.99 2.02
C TRP B 330 10.72 15.55 1.09
N MSE B 331 10.48 14.51 0.29
CA MSE B 331 11.41 14.12 -0.77
C MSE B 331 11.49 15.19 -1.87
O MSE B 331 12.47 15.25 -2.62
CB MSE B 331 11.00 12.75 -1.37
CG MSE B 331 11.19 11.56 -0.43
SE MSE B 331 12.96 11.46 0.46
CE MSE B 331 14.16 11.57 -1.08
N TYR B 332 10.47 16.05 -1.95
CA TYR B 332 10.47 17.17 -2.89
C TYR B 332 11.48 18.24 -2.50
N VAL B 333 11.67 18.43 -1.19
CA VAL B 333 12.60 19.47 -0.70
C VAL B 333 13.90 18.90 -0.13
N ALA B 334 14.01 17.57 -0.07
CA ALA B 334 15.18 16.89 0.51
C ALA B 334 16.49 17.30 -0.16
N GLY B 335 17.50 17.61 0.67
CA GLY B 335 18.84 18.00 0.18
C GLY B 335 18.93 19.40 -0.43
N GLU B 336 17.84 20.15 -0.41
CA GLU B 336 17.81 21.46 -1.05
C GLU B 336 17.92 22.61 -0.05
N THR B 337 18.39 23.75 -0.54
CA THR B 337 18.37 25.00 0.20
C THR B 337 17.24 25.89 -0.35
N LEU B 338 16.35 26.34 0.53
CA LEU B 338 15.31 27.29 0.15
C LEU B 338 15.84 28.73 0.23
N PRO B 339 15.60 29.53 -0.82
CA PRO B 339 15.88 30.95 -0.73
C PRO B 339 14.88 31.60 0.22
N ASN B 340 15.30 32.67 0.89
CA ASN B 340 14.44 33.37 1.85
C ASN B 340 13.18 33.94 1.21
N GLU B 341 13.25 34.17 -0.10
CA GLU B 341 12.10 34.64 -0.87
C GLU B 341 10.97 33.60 -0.99
N GLU B 342 11.32 32.33 -0.80
CA GLU B 342 10.37 31.22 -1.03
C GLU B 342 9.58 30.79 0.21
N ILE B 343 10.07 31.17 1.39
CA ILE B 343 9.39 30.86 2.64
C ILE B 343 8.43 31.98 3.05
N PRO B 344 7.30 31.63 3.69
CA PRO B 344 6.83 30.30 4.07
C PRO B 344 6.28 29.48 2.90
N VAL B 345 6.68 28.21 2.83
CA VAL B 345 6.15 27.28 1.85
C VAL B 345 4.87 26.68 2.45
N LYS B 346 3.75 26.91 1.77
CA LYS B 346 2.45 26.50 2.28
C LYS B 346 1.74 25.65 1.23
N VAL B 347 1.66 24.35 1.51
CA VAL B 347 1.10 23.40 0.55
C VAL B 347 0.11 22.43 1.19
N PHE B 348 -0.69 21.78 0.34
CA PHE B 348 -1.61 20.75 0.79
C PHE B 348 -1.77 19.65 -0.26
N ASP B 349 -2.27 18.52 0.19
CA ASP B 349 -2.52 17.35 -0.65
C ASP B 349 -3.84 16.72 -0.23
N ARG B 350 -4.63 16.31 -1.21
CA ARG B 350 -5.87 15.59 -1.01
C ARG B 350 -5.99 14.50 -2.09
N SER B 351 -4.90 13.79 -2.34
CA SER B 351 -4.81 12.90 -3.51
C SER B 351 -5.08 11.40 -3.26
N GLY B 352 -5.47 11.04 -2.05
CA GLY B 352 -5.76 9.64 -1.77
C GLY B 352 -5.88 9.19 -0.34
N THR B 353 -5.73 7.88 -0.15
CA THR B 353 -6.09 7.23 1.10
C THR B 353 -4.92 7.04 2.04
N SER B 354 -5.25 7.06 3.33
CA SER B 354 -4.31 6.76 4.39
C SER B 354 -4.74 5.45 5.03
N HIS B 355 -3.77 4.64 5.43
CA HIS B 355 -4.08 3.31 5.96
C HIS B 355 -3.41 3.09 7.30
N ARG B 356 -4.17 2.62 8.29
CA ARG B 356 -3.66 2.34 9.63
C ARG B 356 -4.32 1.08 10.18
N TYR B 357 -3.54 0.17 10.74
CA TYR B 357 -4.08 -1.03 11.32
C TYR B 357 -4.56 -0.74 12.75
N GLU B 358 -5.83 -0.30 12.86
CA GLU B 358 -6.40 0.10 14.13
C GLU B 358 -6.69 -1.08 15.04
N SER B 359 -7.00 -0.79 16.30
CA SER B 359 -7.37 -1.79 17.31
C SER B 359 -8.41 -2.79 16.82
N GLY B 360 -8.39 -3.99 17.43
CA GLY B 360 -9.40 -4.99 17.15
C GLY B 360 -10.77 -4.49 17.58
N GLY B 361 -11.81 -5.24 17.25
CA GLY B 361 -13.17 -4.76 17.42
C GLY B 361 -13.52 -3.85 16.26
N ILE B 362 -14.68 -4.12 15.67
CA ILE B 362 -15.25 -3.28 14.62
C ILE B 362 -15.61 -1.91 15.18
N HIS B 363 -15.51 -0.88 14.33
CA HIS B 363 -15.91 0.45 14.70
C HIS B 363 -16.83 1.01 13.60
N GLY B 364 -17.39 2.18 13.83
CA GLY B 364 -18.02 2.93 12.75
C GLY B 364 -16.98 3.77 12.01
N ILE B 365 -17.45 4.76 11.25
CA ILE B 365 -16.55 5.63 10.48
C ILE B 365 -15.67 6.51 11.35
N GLU B 366 -15.95 6.53 12.66
CA GLU B 366 -15.16 7.29 13.61
C GLU B 366 -13.75 6.72 13.81
N ARG B 367 -13.53 5.48 13.38
CA ARG B 367 -12.23 4.81 13.56
C ARG B 367 -12.01 3.71 12.50
N VAL B 368 -11.59 4.13 11.31
CA VAL B 368 -11.46 3.22 10.16
C VAL B 368 -10.00 2.82 9.91
N ASP B 369 -9.77 1.79 9.09
CA ASP B 369 -8.44 1.38 8.66
C ASP B 369 -8.02 2.06 7.35
N GLU B 370 -8.99 2.62 6.63
CA GLU B 370 -8.73 3.35 5.38
C GLU B 370 -9.45 4.69 5.40
N PHE B 371 -8.72 5.79 5.56
CA PHE B 371 -9.38 7.10 5.63
C PHE B 371 -8.92 8.13 4.58
N HIS B 372 -9.70 9.20 4.45
CA HIS B 372 -9.43 10.25 3.47
C HIS B 372 -9.15 11.56 4.18
N ARG B 373 -7.90 12.02 4.07
CA ARG B 373 -7.46 13.22 4.78
C ARG B 373 -6.86 14.24 3.81
N ILE B 374 -7.15 15.52 4.07
CA ILE B 374 -6.44 16.64 3.44
C ILE B 374 -5.28 16.98 4.37
N GLU B 375 -4.04 16.79 3.90
CA GLU B 375 -2.84 17.09 4.70
C GLU B 375 -2.28 18.45 4.29
N ILE B 376 -2.12 19.32 5.29
CA ILE B 376 -1.71 20.69 5.10
C ILE B 376 -0.34 20.80 5.75
N VAL B 377 0.61 21.35 5.01
CA VAL B 377 2.01 21.42 5.43
C VAL B 377 2.56 22.82 5.20
N TRP B 378 3.27 23.34 6.18
CA TRP B 378 3.93 24.62 6.03
C TRP B 378 5.35 24.59 6.56
N ILE B 379 6.23 25.34 5.91
CA ILE B 379 7.66 25.37 6.21
C ILE B 379 8.12 26.83 6.23
N GLY B 380 8.98 27.18 7.19
CA GLY B 380 9.55 28.53 7.28
C GLY B 380 10.42 28.69 8.53
N THR B 381 10.65 29.94 8.93
CA THR B 381 11.33 30.23 10.20
C THR B 381 10.41 29.83 11.36
N LYS B 382 10.97 29.76 12.56
CA LYS B 382 10.22 29.48 13.78
C LYS B 382 8.97 30.35 13.88
N GLU B 383 9.14 31.66 13.69
CA GLU B 383 8.05 32.63 13.82
C GLU B 383 7.00 32.52 12.72
N GLU B 384 7.43 32.24 11.50
CA GLU B 384 6.50 32.05 10.38
C GLU B 384 5.64 30.80 10.59
N VAL B 385 6.25 29.76 11.18
CA VAL B 385 5.55 28.51 11.46
C VAL B 385 4.51 28.68 12.57
N LEU B 386 4.85 29.40 13.63
CA LEU B 386 3.89 29.69 14.70
C LEU B 386 2.75 30.56 14.20
N LYS B 387 3.07 31.56 13.38
CA LYS B 387 2.06 32.43 12.78
C LYS B 387 1.10 31.65 11.88
N CYS B 388 1.65 30.77 11.06
CA CYS B 388 0.84 29.92 10.18
C CYS B 388 -0.10 29.02 10.97
N ALA B 389 0.39 28.47 12.08
CA ALA B 389 -0.41 27.66 12.99
C ALA B 389 -1.59 28.46 13.53
N GLU B 390 -1.32 29.70 13.96
CA GLU B 390 -2.32 30.63 14.47
C GLU B 390 -3.40 30.94 13.43
N GLU B 391 -2.97 31.20 12.20
CA GLU B 391 -3.88 31.42 11.08
C GLU B 391 -4.84 30.24 10.90
N LEU B 392 -4.28 29.02 10.99
CA LEU B 392 -5.08 27.81 10.84
C LEU B 392 -6.12 27.68 11.96
N HIS B 393 -5.70 27.91 13.20
CA HIS B 393 -6.61 27.86 14.35
C HIS B 393 -7.79 28.84 14.22
N ASP B 394 -7.51 30.04 13.71
CA ASP B 394 -8.55 31.05 13.50
C ASP B 394 -9.57 30.60 12.45
N ARG B 395 -9.08 30.02 11.35
CA ARG B 395 -9.96 29.50 10.29
C ARG B 395 -10.80 28.29 10.74
N TYR B 396 -10.17 27.37 11.48
CA TYR B 396 -10.88 26.20 12.03
C TYR B 396 -11.98 26.62 12.99
N MSE B 397 -11.70 27.58 13.86
CA MSE B 397 -12.72 28.07 14.80
C MSE B 397 -13.92 28.64 14.04
O MSE B 397 -15.06 28.34 14.39
CB MSE B 397 -12.16 29.11 15.77
CG MSE B 397 -13.12 29.40 16.94
SE MSE B 397 -12.49 30.70 18.23
CE MSE B 397 -12.20 32.21 17.04
N HIS B 398 -13.65 29.44 13.02
CA HIS B 398 -14.71 29.96 12.16
C HIS B 398 -15.56 28.83 11.54
N ILE B 399 -14.90 27.82 10.99
CA ILE B 399 -15.59 26.68 10.37
C ILE B 399 -16.47 25.93 11.36
N PHE B 400 -15.91 25.56 12.50
CA PHE B 400 -16.62 24.72 13.46
C PHE B 400 -17.75 25.48 14.18
N ASN B 401 -17.54 26.76 14.44
CA ASN B 401 -18.56 27.59 15.09
C ASN B 401 -19.64 28.09 14.13
N ASP B 402 -19.22 28.58 12.96
CA ASP B 402 -20.13 29.35 12.07
C ASP B 402 -20.75 28.53 10.95
N ILE B 403 -20.05 27.51 10.49
CA ILE B 403 -20.50 26.74 9.33
C ILE B 403 -21.10 25.39 9.74
N LEU B 404 -20.34 24.59 10.47
CA LEU B 404 -20.81 23.29 10.96
C LEU B 404 -21.66 23.47 12.22
N ASP B 405 -21.38 24.53 12.98
CA ASP B 405 -22.12 24.88 14.21
C ASP B 405 -22.12 23.72 15.20
N ILE B 406 -20.95 23.10 15.36
CA ILE B 406 -20.82 21.93 16.23
C ILE B 406 -20.35 22.31 17.63
N GLU B 407 -20.61 21.42 18.59
CA GLU B 407 -20.04 21.57 19.93
C GLU B 407 -18.66 20.92 19.94
N TRP B 408 -17.66 21.65 20.41
CA TRP B 408 -16.27 21.20 20.34
C TRP B 408 -15.38 21.90 21.36
N ARG B 409 -14.15 21.40 21.46
CA ARG B 409 -13.12 21.97 22.31
C ARG B 409 -11.76 21.73 21.65
N LYS B 410 -10.72 22.32 22.22
CA LYS B 410 -9.36 22.01 21.79
C LYS B 410 -8.41 21.95 22.99
N ALA B 411 -7.43 21.06 22.89
CA ALA B 411 -6.52 20.80 23.99
C ALA B 411 -5.10 20.59 23.46
N ARG B 412 -4.12 21.04 24.23
CA ARG B 412 -2.74 20.79 23.90
C ARG B 412 -2.28 19.48 24.54
N VAL B 413 -1.85 18.55 23.70
CA VAL B 413 -1.22 17.32 24.17
C VAL B 413 0.19 17.62 24.68
N ASN B 430 7.14 25.50 25.78
CA ASN B 430 7.63 25.12 24.46
C ASN B 430 6.49 25.05 23.43
N THR B 431 6.76 25.52 22.22
CA THR B 431 5.73 25.63 21.18
C THR B 431 5.67 24.42 20.26
N VAL B 432 6.63 23.51 20.42
CA VAL B 432 6.63 22.26 19.66
C VAL B 432 5.60 21.31 20.27
N GLY B 433 4.71 20.78 19.43
CA GLY B 433 3.69 19.85 19.89
C GLY B 433 2.39 19.91 19.11
N THR B 434 1.39 19.18 19.59
CA THR B 434 0.13 19.01 18.88
C THR B 434 -1.04 19.61 19.65
N THR B 435 -1.88 20.37 18.94
CA THR B 435 -3.16 20.84 19.47
C THR B 435 -4.29 20.02 18.84
N ASP B 436 -5.06 19.33 19.69
CA ASP B 436 -6.14 18.45 19.26
C ASP B 436 -7.53 19.08 19.40
N TYR B 437 -8.34 18.95 18.36
CA TYR B 437 -9.75 19.33 18.41
C TYR B 437 -10.59 18.10 18.73
N GLU B 438 -11.47 18.24 19.72
CA GLU B 438 -12.34 17.15 20.17
C GLU B 438 -13.79 17.59 20.23
N ALA B 439 -14.69 16.66 19.89
CA ALA B 439 -16.13 16.92 19.85
C ALA B 439 -16.93 15.77 20.46
N CYS B 440 -18.01 16.09 21.15
CA CYS B 440 -18.87 15.08 21.75
C CYS B 440 -19.71 14.36 20.71
N LEU B 441 -19.93 13.07 20.94
CA LEU B 441 -20.80 12.26 20.10
C LEU B 441 -21.97 11.84 20.97
N PRO B 442 -23.13 12.49 20.81
CA PRO B 442 -24.24 12.25 21.73
C PRO B 442 -24.64 10.78 21.91
N TYR B 443 -24.43 9.93 20.91
CA TYR B 443 -24.81 8.50 21.07
C TYR B 443 -23.98 7.80 22.13
N ARG B 444 -22.83 8.39 22.48
CA ARG B 444 -21.96 7.83 23.52
C ARG B 444 -22.41 8.15 24.95
N GLY B 445 -23.46 8.95 25.09
CA GLY B 445 -24.01 9.31 26.40
C GLY B 445 -23.32 10.52 27.00
N PRO B 446 -23.91 11.08 28.10
CA PRO B 446 -23.33 12.27 28.73
C PRO B 446 -21.87 12.12 29.17
N ASP B 447 -21.49 10.93 29.63
CA ASP B 447 -20.13 10.65 30.09
C ASP B 447 -19.27 9.98 29.02
N GLY B 448 -19.75 9.97 27.78
CA GLY B 448 -19.02 9.38 26.67
C GLY B 448 -17.72 10.11 26.40
N GLU B 449 -16.78 9.41 25.77
CA GLU B 449 -15.50 9.99 25.39
C GLU B 449 -15.68 10.81 24.13
N TRP B 450 -15.12 12.02 24.13
CA TRP B 450 -15.17 12.91 22.99
C TRP B 450 -14.23 12.39 21.92
N LEU B 451 -14.50 12.74 20.67
CA LEU B 451 -13.74 12.24 19.54
C LEU B 451 -12.79 13.30 18.99
N GLU B 452 -11.51 12.94 18.87
CA GLU B 452 -10.53 13.79 18.21
C GLU B 452 -10.84 13.79 16.72
N PHE B 453 -11.06 14.97 16.15
CA PHE B 453 -11.47 15.06 14.75
C PHE B 453 -10.59 15.99 13.90
N GLN B 454 -9.68 16.71 14.57
CA GLN B 454 -8.81 17.69 13.91
C GLN B 454 -7.58 17.94 14.76
N ASN B 455 -6.44 18.18 14.12
CA ASN B 455 -5.24 18.56 14.83
C ASN B 455 -4.37 19.58 14.09
N VAL B 456 -3.56 20.31 14.85
CA VAL B 456 -2.55 21.21 14.31
C VAL B 456 -1.26 20.95 15.06
N SER B 457 -0.20 20.64 14.32
CA SER B 457 1.06 20.24 14.91
C SER B 457 2.21 21.17 14.50
N ILE B 458 2.91 21.71 15.49
CA ILE B 458 4.14 22.42 15.26
C ILE B 458 5.26 21.43 15.52
N ASN B 459 6.04 21.14 14.48
CA ASN B 459 7.01 20.04 14.48
C ASN B 459 8.46 20.46 14.74
N GLY B 460 8.69 21.74 14.97
CA GLY B 460 10.05 22.25 15.18
C GLY B 460 10.92 22.01 13.98
N ASP B 461 12.20 21.72 14.21
CA ASP B 461 13.16 21.50 13.13
C ASP B 461 13.26 20.04 12.67
N LYS B 462 12.42 19.18 13.24
CA LYS B 462 12.48 17.72 13.01
C LYS B 462 12.60 17.30 11.55
N TYR B 463 11.69 17.79 10.72
CA TYR B 463 11.64 17.42 9.30
C TYR B 463 12.76 18.08 8.45
N PRO B 464 12.95 19.41 8.56
CA PRO B 464 14.12 20.02 7.89
C PRO B 464 15.44 19.32 8.23
N LYS B 465 15.65 18.96 9.49
CA LYS B 465 16.85 18.22 9.90
C LYS B 465 16.87 16.81 9.31
N GLY B 466 15.72 16.14 9.34
CA GLY B 466 15.60 14.76 8.88
C GLY B 466 15.88 14.59 7.39
N PHE B 467 15.38 15.53 6.59
CA PHE B 467 15.49 15.49 5.12
C PHE B 467 16.57 16.45 4.59
N ASN B 468 17.35 17.02 5.52
CA ASN B 468 18.44 17.95 5.19
C ASN B 468 17.99 19.13 4.30
N VAL B 469 17.04 19.90 4.82
CA VAL B 469 16.53 21.08 4.12
C VAL B 469 17.04 22.33 4.82
N LYS B 470 17.80 23.15 4.10
CA LYS B 470 18.39 24.34 4.69
C LYS B 470 17.66 25.59 4.23
N LEU B 471 17.90 26.69 5.00
CA LEU B 471 17.45 28.01 4.62
C LEU B 471 18.66 28.85 4.22
N GLN B 472 18.50 29.63 3.16
CA GLN B 472 19.57 30.44 2.58
C GLN B 472 20.32 31.32 3.58
N SER B 473 19.58 31.96 4.49
CA SER B 473 20.16 32.87 5.48
C SER B 473 20.90 32.11 6.57
N GLY B 474 20.71 30.79 6.61
CA GLY B 474 21.35 29.95 7.62
C GLY B 474 20.55 29.90 8.92
N ASP B 475 19.42 30.60 8.95
CA ASP B 475 18.50 30.52 10.06
C ASP B 475 17.82 29.15 10.08
N GLU B 476 17.46 28.70 11.28
CA GLU B 476 16.84 27.40 11.51
C GLU B 476 15.49 27.29 10.79
N LEU B 477 15.27 26.20 10.05
CA LEU B 477 13.98 25.95 9.41
C LEU B 477 13.06 25.12 10.28
N TRP B 478 11.83 25.57 10.40
CA TRP B 478 10.80 24.83 11.11
C TRP B 478 9.73 24.40 10.12
N SER B 479 8.86 23.51 10.58
CA SER B 479 7.68 23.13 9.82
C SER B 479 6.53 22.75 10.74
N GLY B 480 5.34 22.75 10.16
CA GLY B 480 4.14 22.32 10.85
C GLY B 480 3.29 21.54 9.87
N CYS B 481 2.26 20.88 10.40
CA CYS B 481 1.32 20.16 9.59
C CYS B 481 -0.04 20.09 10.28
N SER B 482 -1.08 19.82 9.51
CA SER B 482 -2.45 19.73 10.00
C SER B 482 -3.23 18.82 9.07
N GLY B 483 -3.94 17.85 9.63
CA GLY B 483 -4.67 16.89 8.82
C GLY B 483 -6.16 16.96 9.11
N VAL B 484 -6.94 17.08 8.03
CA VAL B 484 -8.39 17.08 8.10
C VAL B 484 -8.85 15.70 7.69
N GLY B 485 -9.34 14.91 8.64
CA GLY B 485 -9.84 13.59 8.34
C GLY B 485 -11.31 13.69 8.05
N LEU B 486 -11.72 13.42 6.81
CA LEU B 486 -13.10 13.64 6.40
C LEU B 486 -14.09 12.73 7.14
N GLU B 487 -13.68 11.49 7.40
CA GLU B 487 -14.48 10.54 8.19
C GLU B 487 -14.80 11.05 9.58
N ARG B 488 -13.80 11.66 10.23
CA ARG B 488 -13.96 12.18 11.61
C ARG B 488 -14.88 13.40 11.64
N TRP B 489 -14.75 14.28 10.65
CA TRP B 489 -15.65 15.43 10.52
C TRP B 489 -17.07 14.93 10.31
N ALA B 490 -17.22 13.91 9.46
CA ALA B 490 -18.53 13.32 9.20
C ALA B 490 -19.12 12.70 10.46
N ALA B 491 -18.32 11.90 11.18
CA ALA B 491 -18.74 11.28 12.43
C ALA B 491 -19.23 12.32 13.44
N VAL B 492 -18.50 13.43 13.56
CA VAL B 492 -18.87 14.50 14.49
C VAL B 492 -20.11 15.26 14.02
N PHE B 493 -20.09 15.77 12.79
CA PHE B 493 -21.22 16.53 12.25
C PHE B 493 -22.53 15.75 12.26
N LEU B 494 -22.49 14.51 11.79
CA LEU B 494 -23.70 13.70 11.67
C LEU B 494 -24.19 13.17 13.02
N ALA B 495 -23.26 12.86 13.93
CA ALA B 495 -23.64 12.48 15.30
C ALA B 495 -24.38 13.63 16.01
N GLN B 496 -23.95 14.85 15.75
CA GLN B 496 -24.56 16.02 16.40
C GLN B 496 -25.76 16.57 15.64
N LYS B 497 -25.76 16.47 14.31
CA LYS B 497 -26.80 17.11 13.52
C LYS B 497 -27.82 16.17 12.86
N GLY B 498 -27.51 14.88 12.81
CA GLY B 498 -28.35 13.91 12.11
C GLY B 498 -28.20 13.94 10.60
N LEU B 499 -28.95 13.07 9.92
CA LEU B 499 -28.83 12.88 8.48
C LEU B 499 -29.88 13.64 7.64
N ASP B 500 -30.72 14.41 8.30
CA ASP B 500 -31.81 15.14 7.65
C ASP B 500 -31.40 16.60 7.44
N PRO B 501 -31.22 17.02 6.17
CA PRO B 501 -30.77 18.37 5.78
C PRO B 501 -31.62 19.51 6.33
N ALA B 502 -32.89 19.25 6.60
CA ALA B 502 -33.78 20.25 7.18
C ALA B 502 -33.30 20.69 8.57
N ASN B 503 -32.54 19.82 9.22
CA ASN B 503 -32.05 20.08 10.57
C ASN B 503 -30.58 20.47 10.62
N TRP B 504 -29.99 20.70 9.45
CA TRP B 504 -28.61 21.17 9.36
C TRP B 504 -28.53 22.69 9.37
N PRO B 505 -27.41 23.24 9.89
CA PRO B 505 -27.17 24.69 9.84
C PRO B 505 -27.35 25.22 8.42
N GLU B 506 -27.99 26.39 8.30
CA GLU B 506 -28.22 27.03 7.01
C GLU B 506 -26.93 27.19 6.19
N GLU B 507 -25.84 27.54 6.86
CA GLU B 507 -24.54 27.76 6.21
C GLU B 507 -23.96 26.47 5.59
N PHE B 508 -24.18 25.35 6.26
CA PHE B 508 -23.78 24.05 5.71
C PHE B 508 -24.71 23.65 4.58
N ARG B 509 -26.01 23.87 4.77
CA ARG B 509 -27.03 23.53 3.77
C ARG B 509 -26.79 24.22 2.42
N ASN B 510 -26.39 25.49 2.46
CA ASN B 510 -26.10 26.26 1.25
C ASN B 510 -24.94 25.69 0.42
N ARG B 511 -23.98 25.09 1.13
CA ARG B 511 -22.78 24.54 0.48
C ARG B 511 -22.99 23.13 -0.07
N VAL B 512 -23.89 22.36 0.55
CA VAL B 512 -24.19 21.00 0.09
C VAL B 512 -24.94 21.00 -1.23
N GLY B 513 -25.86 21.94 -1.40
CA GLY B 513 -26.79 21.93 -2.54
C GLY B 513 -27.84 20.86 -2.34
N GLU B 514 -28.52 20.48 -3.41
CA GLU B 514 -29.56 19.46 -3.34
C GLU B 514 -28.89 18.09 -3.17
N MSE B 515 -29.16 17.45 -2.03
CA MSE B 515 -28.63 16.12 -1.73
C MSE B 515 -28.99 15.13 -2.83
O MSE B 515 -30.12 15.13 -3.31
CB MSE B 515 -29.17 15.62 -0.38
CG MSE B 515 -28.43 16.19 0.84
SE MSE B 515 -26.62 15.47 1.04
CE MSE B 515 -27.07 13.67 1.66
N PRO B 516 -28.02 14.29 -3.24
CA PRO B 516 -28.31 13.27 -4.24
C PRO B 516 -29.06 12.09 -3.63
N LYS B 517 -29.77 11.35 -4.46
CA LYS B 517 -30.38 10.11 -4.00
C LYS B 517 -29.33 9.01 -3.98
N GLY B 518 -29.56 7.99 -3.15
CA GLY B 518 -28.69 6.83 -3.09
C GLY B 518 -29.09 5.80 -4.14
N ILE B 519 -28.48 4.63 -4.06
CA ILE B 519 -28.88 3.51 -4.89
C ILE B 519 -29.84 2.64 -4.07
N ARG B 520 -31.09 2.57 -4.51
CA ARG B 520 -32.13 1.81 -3.82
C ARG B 520 -32.06 0.34 -4.23
N PHE B 521 -32.22 -0.54 -3.25
CA PHE B 521 -32.23 -1.97 -3.51
C PHE B 521 -33.61 -2.53 -3.16
N LEU B 522 -33.93 -3.69 -3.73
CA LEU B 522 -35.20 -4.35 -3.49
C LEU B 522 -35.27 -4.93 -2.08
ZN ZN C . -12.63 -0.47 -14.70
CL CL D . -8.86 -3.22 -8.33
PG ATP E . -8.25 -4.31 -16.39
O1G ATP E . -7.35 -5.48 -16.07
O2G ATP E . -9.49 -4.26 -15.52
O3G ATP E . -8.56 -4.13 -17.86
PB ATP E . -7.81 -1.46 -16.18
O1B ATP E . -6.95 -0.64 -15.26
O2B ATP E . -9.31 -1.40 -15.99
O3B ATP E . -7.34 -3.00 -16.04
PA ATP E . -6.03 -0.56 -18.32
O1A ATP E . -4.97 -1.45 -17.75
O2A ATP E . -6.18 -0.42 -19.81
O3A ATP E . -7.48 -1.05 -17.72
O5' ATP E . -5.83 0.93 -17.76
C5' ATP E . -6.87 1.89 -17.94
C4' ATP E . -6.37 3.31 -17.77
O4' ATP E . -5.59 3.47 -16.59
C3' ATP E . -5.44 3.75 -18.90
O3' ATP E . -6.17 4.26 -20.03
C2' ATP E . -4.63 4.84 -18.26
O2' ATP E . -5.39 6.05 -18.28
C1' ATP E . -4.51 4.40 -16.82
N9 ATP E . -3.22 3.70 -16.61
C8 ATP E . -3.05 2.36 -16.68
N7 ATP E . -1.77 2.02 -16.42
C5 ATP E . -1.08 3.16 -16.19
C6 ATP E . 0.32 3.51 -15.87
N6 ATP E . 1.26 2.56 -15.74
N1 ATP E . 0.61 4.82 -15.70
C2 ATP E . -0.31 5.78 -15.83
N3 ATP E . -1.60 5.54 -16.12
C4 ATP E . -2.04 4.27 -16.31
ZN ZN F . 1.49 15.32 9.14
CL CL G . 3.39 8.48 5.74
MG MG H . -5.19 6.49 14.39
MG MG I . -3.79 14.49 16.74
PG ATP J . -6.95 8.97 17.36
O1G ATP J . -5.99 8.77 18.52
O2G ATP J . -8.31 9.46 17.78
O3G ATP J . -6.96 7.84 16.36
PB ATP J . -4.74 10.20 16.21
O1B ATP J . -4.10 11.24 17.10
O2B ATP J . -4.23 8.79 16.19
O3B ATP J . -6.32 10.19 16.52
PA ATP J . -3.40 11.46 14.10
O1A ATP J . -2.27 10.47 14.08
O2A ATP J . -3.27 12.78 14.83
O3A ATP J . -4.71 10.75 14.69
O5' ATP J . -3.88 11.74 12.59
C5' ATP J . -4.25 13.05 12.19
C4' ATP J . -5.69 13.05 11.71
O4' ATP J . -5.93 11.95 10.83
C3' ATP J . -6.68 12.88 12.85
O3' ATP J . -7.03 14.12 13.46
C2' ATP J . -7.87 12.25 12.14
O2' ATP J . -8.72 13.28 11.60
C1' ATP J . -7.26 11.46 11.00
N9 ATP J . -7.24 10.03 11.40
C8 ATP J . -6.25 9.41 12.07
N7 ATP J . -6.55 8.10 12.30
C5 ATP J . -7.77 7.88 11.77
C6 ATP J . -8.69 6.72 11.66
N6 ATP J . -8.37 5.50 12.15
N1 ATP J . -9.86 6.93 11.02
C2 ATP J . -10.21 8.12 10.50
N3 ATP J . -9.44 9.21 10.57
C4 ATP J . -8.22 9.15 11.18
#